data_9UMX
#
_entry.id   9UMX
#
_cell.length_a   1.00
_cell.length_b   1.00
_cell.length_c   1.00
_cell.angle_alpha   90.00
_cell.angle_beta   90.00
_cell.angle_gamma   90.00
#
_symmetry.space_group_name_H-M   'P 1'
#
loop_
_entity.id
_entity.type
_entity.pdbx_description
1 polymer 'Muscarinic acetylcholine receptor M4,C5a anaphylatoxin chemotactic receptor 1'
2 polymer 'Guanine nucleotide-binding protein G(o) subunit alpha'
3 polymer 'Guanine nucleotide-binding protein G(I)/G(S)/G(T) subunit beta-1'
4 polymer 'Guanine nucleotide-binding protein G(I)/G(S)/G(O) subunit gamma-2'
5 polymer 'Antibody fragment - ScFv16'
6 polymer 'EP54 ligand'
#
loop_
_entity_poly.entity_id
_entity_poly.type
_entity_poly.pdbx_seq_one_letter_code
_entity_poly.pdbx_strand_id
1 'polypeptide(L)'
;MGKTIIALSYIFCLVFADYKDDDDAANFTPVNGSSGNQSVRLVTSSSLEVLFQGPGSDSFNYTTPDYGHYDDKDTLDLNT
PVDKTSNTLRVPDILALVIFAVVFLVGVLGNALVVWVTAFEAKRTINAIWFLNLAVADFLSCLALPILFTSIVQHHHWPF
GGAACSILPSLILLNMYASILLLATISADRFLLVFKPIWCQNFRGAGLAWIACAVAWGLALLLTIPSFLYRVVREEYFPP
KVLCGVDYSHDKRRERAVAIVRLVLGFLWPLLTLTICYTFILLRTWSRRATRSTKTLKVVVAVVASFFIFWLPYQVTGIM
MSFLEPSSPTFLLLKKLDSLCVSFAYINCCINPIIYVVAGQGFQGRLRKSLPSLLRNVLTEESVVRESKSFTRSTVDTMA
QKTQAV
;
A
2 'polypeptide(L)'
;MGHHHHHHENLYFQGTLSAEERAALERSKAIEKNLKEDGISAAKDVKLLLLGADNSGKSTIVKQMKIIHGGSGGSGGTTG
IVETHFTFKNLHFRLFDVGGQRSERKKWIHCFEDVTAIIFCVDLSDYDQVLHEDETTNRMHESLMLFDSICNNKFFIDTS
IILFLNKKDLFGEKIKKSPLTICFPEYTGPNTYEDAAAYIQAQFESKNRSPNKEIYCHMTCATDTNNAQVIFDAVTDIII
ANNLRGCGLY
;
B
3 'polypeptide(L)'
;MHHHHHHGSSGSELDQLRQEAEQLKNQIRDARKACADATLSQITNNIDPVGRIQMRTRRTLRGHLAKIYAMHWGTDSRLL
VSASQDGKLIIWDSYTTNKVHAIPLRSSWVMTCAYAPSGNYVACGGLDNICSIYNLKTREGNVRVSRELAGHTGYLSCCR
FLDDNQIVTSSGDTTCALWDIETGQQTTTFTGHTGDVMSLSLAPDTRLFVSGACDASAKLWDVREGMCRQTFTGHESDIN
AICFFPNGNAFATGSDDATCRLFDLRADQELMTYSHDNIICGITSVSFSKSGRLLLAGYDDFNCNVWDALKADRAGVLAG
HDNRVSCLGVTDDGMAVATGSWDSFLKIWN
;
C
4 'polypeptide(L)' MASNNTASIAQARKLVEQLKMEANIDRIKVSKAAADLMAYCEAHAKEDPLLTPVPASENPFREKKFFCAIL G
5 'polypeptide(L)'
;DVQLVESGGGLVQPGGSRKLSCSASGFAFSSFGMHWVRQAPEKGLEWVAYISSGSGTIYYADTVKGRFTISRDDPKNTLF
LQMTSLRSEDTAMYYCVRSIYYYGSSPFDFWGQGTTLTVSSGGGGSGGGGSGGGGSDIVMTQATSSVPVTPGESVSISCR
SSKSLLHSNGNTYLYWFLQRPGQSPQLLIYRMSNLASGVPDRFSGSGSGTAFTLTISRLEAEDVGVYYCMQHLEYPLTFG
AGTKLELK
;
H
6 'polypeptide(L)' YSFKPMPL(DAL)R D
#
# COMPACT_ATOMS: atom_id res chain seq x y z
N THR A 88 -60.42 -5.14 -24.37
CA THR A 88 -59.72 -5.43 -23.12
C THR A 88 -58.37 -5.84 -23.69
N LEU A 89 -57.72 -6.82 -23.07
CA LEU A 89 -56.41 -7.29 -23.52
C LEU A 89 -56.47 -8.79 -23.72
N ARG A 90 -55.94 -9.26 -24.85
CA ARG A 90 -55.99 -10.67 -25.18
C ARG A 90 -55.01 -11.46 -24.30
N VAL A 91 -55.23 -12.77 -24.27
CA VAL A 91 -54.46 -13.71 -23.45
C VAL A 91 -52.96 -13.68 -23.78
N PRO A 92 -52.54 -13.68 -25.07
CA PRO A 92 -51.09 -13.70 -25.36
C PRO A 92 -50.31 -12.64 -24.60
N ASP A 93 -50.83 -11.42 -24.58
CA ASP A 93 -50.18 -10.29 -23.91
C ASP A 93 -50.01 -10.54 -22.42
N ILE A 94 -51.09 -10.92 -21.74
CA ILE A 94 -51.21 -10.92 -20.28
C ILE A 94 -49.94 -11.38 -19.57
N LEU A 95 -49.38 -12.52 -19.99
CA LEU A 95 -48.18 -13.05 -19.35
C LEU A 95 -47.01 -12.07 -19.42
N ALA A 96 -46.92 -11.32 -20.52
CA ALA A 96 -45.83 -10.37 -20.71
C ALA A 96 -45.82 -9.32 -19.61
N LEU A 97 -47.02 -8.95 -19.11
CA LEU A 97 -47.10 -7.96 -18.05
C LEU A 97 -46.41 -8.43 -16.78
N VAL A 98 -46.76 -9.64 -16.32
CA VAL A 98 -46.13 -10.15 -15.10
C VAL A 98 -44.67 -10.47 -15.34
N ILE A 99 -44.30 -10.86 -16.56
CA ILE A 99 -42.89 -11.08 -16.87
C ILE A 99 -42.11 -9.78 -16.74
N PHE A 100 -42.65 -8.69 -17.28
CA PHE A 100 -42.01 -7.38 -17.14
C PHE A 100 -41.90 -6.97 -15.68
N ALA A 101 -42.98 -7.20 -14.90
CA ALA A 101 -42.95 -6.82 -13.49
C ALA A 101 -41.87 -7.59 -12.73
N VAL A 102 -41.79 -8.90 -12.96
CA VAL A 102 -40.80 -9.71 -12.27
C VAL A 102 -39.39 -9.31 -12.69
N VAL A 103 -39.18 -9.06 -13.99
CA VAL A 103 -37.86 -8.66 -14.46
C VAL A 103 -37.45 -7.33 -13.85
N PHE A 104 -38.38 -6.38 -13.78
CA PHE A 104 -38.09 -5.10 -13.14
C PHE A 104 -37.73 -5.28 -11.67
N LEU A 105 -38.50 -6.11 -10.95
CA LEU A 105 -38.23 -6.32 -9.54
C LEU A 105 -36.87 -6.95 -9.31
N VAL A 106 -36.50 -7.92 -10.14
CA VAL A 106 -35.20 -8.57 -10.00
C VAL A 106 -34.08 -7.61 -10.39
N GLY A 107 -34.28 -6.82 -11.44
CA GLY A 107 -33.24 -5.94 -11.94
C GLY A 107 -33.02 -4.69 -11.12
N VAL A 108 -34.00 -4.30 -10.29
CA VAL A 108 -33.76 -3.21 -9.34
C VAL A 108 -32.63 -3.59 -8.38
N LEU A 109 -32.68 -4.81 -7.85
CA LEU A 109 -31.56 -5.38 -7.12
C LEU A 109 -30.62 -6.04 -8.14
N GLY A 110 -29.59 -6.72 -7.67
CA GLY A 110 -28.74 -7.43 -8.60
C GLY A 110 -27.64 -6.56 -9.17
N ASN A 111 -27.90 -6.00 -10.34
CA ASN A 111 -26.90 -5.18 -11.02
C ASN A 111 -26.45 -4.01 -10.16
N ALA A 112 -27.32 -3.48 -9.30
CA ALA A 112 -26.89 -2.43 -8.38
C ALA A 112 -25.82 -2.95 -7.42
N LEU A 113 -26.05 -4.15 -6.86
CA LEU A 113 -25.04 -4.75 -6.00
C LEU A 113 -23.75 -5.03 -6.78
N VAL A 114 -23.87 -5.48 -8.03
CA VAL A 114 -22.70 -5.81 -8.82
C VAL A 114 -21.87 -4.55 -9.09
N VAL A 115 -22.51 -3.47 -9.50
CA VAL A 115 -21.76 -2.24 -9.76
C VAL A 115 -21.18 -1.68 -8.46
N TRP A 116 -21.90 -1.82 -7.34
CA TRP A 116 -21.36 -1.35 -6.07
C TRP A 116 -20.11 -2.12 -5.68
N VAL A 117 -20.12 -3.44 -5.85
CA VAL A 117 -18.97 -4.23 -5.41
C VAL A 117 -17.83 -4.14 -6.43
N THR A 118 -18.12 -3.80 -7.68
CA THR A 118 -17.06 -3.69 -8.68
C THR A 118 -16.53 -2.27 -8.83
N ALA A 119 -17.19 -1.27 -8.25
CA ALA A 119 -16.64 0.09 -8.28
C ALA A 119 -15.36 0.18 -7.47
N PHE A 120 -15.32 -0.47 -6.31
CA PHE A 120 -14.13 -0.46 -5.46
C PHE A 120 -12.97 -1.23 -6.09
N GLU A 121 -13.23 -2.07 -7.09
CA GLU A 121 -12.21 -2.91 -7.70
C GLU A 121 -11.69 -2.33 -9.02
N ALA A 122 -11.60 -1.02 -9.11
CA ALA A 122 -11.08 -0.35 -10.29
C ALA A 122 -9.66 0.16 -10.01
N LYS A 123 -8.86 0.20 -11.07
CA LYS A 123 -7.45 0.58 -11.02
C LYS A 123 -6.62 -0.37 -10.14
N ARG A 124 -7.20 -1.48 -9.70
CA ARG A 124 -6.50 -2.46 -8.87
C ARG A 124 -6.74 -3.90 -9.30
N THR A 125 -7.73 -4.17 -10.15
CA THR A 125 -8.01 -5.52 -10.60
C THR A 125 -8.50 -5.46 -12.04
N ILE A 126 -7.75 -6.10 -12.95
CA ILE A 126 -8.11 -6.09 -14.36
C ILE A 126 -9.38 -6.91 -14.62
N ASN A 127 -9.70 -7.87 -13.74
CA ASN A 127 -10.80 -8.80 -13.96
C ASN A 127 -12.14 -8.26 -13.47
N ALA A 128 -12.30 -6.93 -13.40
CA ALA A 128 -13.56 -6.34 -12.98
C ALA A 128 -14.14 -5.33 -13.96
N ILE A 129 -13.35 -4.86 -14.93
CA ILE A 129 -13.84 -3.86 -15.89
C ILE A 129 -14.94 -4.45 -16.76
N TRP A 130 -14.75 -5.69 -17.24
CA TRP A 130 -15.76 -6.33 -18.07
C TRP A 130 -17.08 -6.46 -17.34
N PHE A 131 -17.03 -6.91 -16.07
CA PHE A 131 -18.25 -7.09 -15.30
C PHE A 131 -18.89 -5.75 -14.96
N LEU A 132 -18.10 -4.72 -14.69
CA LEU A 132 -18.65 -3.40 -14.45
C LEU A 132 -19.42 -2.90 -15.67
N ASN A 133 -18.81 -3.03 -16.86
CA ASN A 133 -19.47 -2.58 -18.07
C ASN A 133 -20.74 -3.37 -18.34
N LEU A 134 -20.68 -4.69 -18.20
CA LEU A 134 -21.87 -5.52 -18.42
C LEU A 134 -22.98 -5.16 -17.44
N ALA A 135 -22.62 -4.97 -16.17
CA ALA A 135 -23.62 -4.66 -15.15
C ALA A 135 -24.27 -3.31 -15.41
N VAL A 136 -23.49 -2.28 -15.78
CA VAL A 136 -24.09 -0.98 -16.01
C VAL A 136 -24.96 -1.00 -17.27
N ALA A 137 -24.53 -1.73 -18.30
CA ALA A 137 -25.35 -1.85 -19.50
C ALA A 137 -26.67 -2.54 -19.19
N ASP A 138 -26.63 -3.62 -18.40
CA ASP A 138 -27.87 -4.30 -18.01
C ASP A 138 -28.74 -3.40 -17.14
N PHE A 139 -28.13 -2.58 -16.28
CA PHE A 139 -28.90 -1.71 -15.40
C PHE A 139 -29.68 -0.67 -16.20
N LEU A 140 -29.00 0.01 -17.12
CA LEU A 140 -29.71 0.94 -17.99
C LEU A 140 -30.71 0.22 -18.89
N SER A 141 -30.42 -1.02 -19.29
CA SER A 141 -31.40 -1.77 -20.07
C SER A 141 -32.68 -2.03 -19.28
N CYS A 142 -32.54 -2.39 -18.01
CA CYS A 142 -33.67 -2.73 -17.18
C CYS A 142 -34.40 -1.51 -16.62
N LEU A 143 -33.75 -0.34 -16.60
CA LEU A 143 -34.38 0.85 -16.02
C LEU A 143 -35.44 1.46 -16.92
N ALA A 144 -35.56 1.03 -18.18
CA ALA A 144 -36.53 1.58 -19.10
C ALA A 144 -37.81 0.76 -19.19
N LEU A 145 -37.96 -0.24 -18.33
CA LEU A 145 -39.14 -1.11 -18.38
C LEU A 145 -40.46 -0.37 -18.17
N PRO A 146 -40.60 0.59 -17.24
CA PRO A 146 -41.91 1.22 -17.05
C PRO A 146 -42.47 1.88 -18.31
N ILE A 147 -41.62 2.39 -19.19
CA ILE A 147 -42.11 2.96 -20.45
C ILE A 147 -42.77 1.86 -21.28
N LEU A 148 -42.14 0.69 -21.37
CA LEU A 148 -42.74 -0.44 -22.06
C LEU A 148 -44.05 -0.85 -21.41
N PHE A 149 -44.08 -0.88 -20.07
CA PHE A 149 -45.29 -1.25 -19.35
C PHE A 149 -46.44 -0.29 -19.67
N THR A 150 -46.19 1.01 -19.63
CA THR A 150 -47.22 1.99 -19.94
C THR A 150 -47.66 1.90 -21.39
N SER A 151 -46.71 1.69 -22.31
CA SER A 151 -47.07 1.56 -23.72
C SER A 151 -47.95 0.34 -23.95
N ILE A 152 -47.65 -0.78 -23.28
CA ILE A 152 -48.50 -1.96 -23.37
C ILE A 152 -49.88 -1.66 -22.79
N VAL A 153 -49.94 -0.96 -21.65
CA VAL A 153 -51.21 -0.72 -20.99
C VAL A 153 -52.10 0.19 -21.83
N GLN A 154 -51.55 1.30 -22.31
CA GLN A 154 -52.37 2.32 -22.99
C GLN A 154 -52.41 2.12 -24.50
N HIS A 155 -52.69 0.89 -24.92
CA HIS A 155 -52.98 0.53 -26.31
C HIS A 155 -52.09 1.28 -27.31
N HIS A 156 -50.79 1.32 -27.01
CA HIS A 156 -49.78 1.92 -27.88
C HIS A 156 -50.14 3.38 -28.22
N HIS A 157 -50.17 4.20 -27.17
CA HIS A 157 -50.45 5.62 -27.29
C HIS A 157 -49.16 6.40 -27.06
N TRP A 158 -48.84 7.32 -27.96
CA TRP A 158 -47.55 8.02 -27.97
C TRP A 158 -47.80 9.53 -27.93
N PRO A 159 -47.98 10.09 -26.73
CA PRO A 159 -48.23 11.54 -26.63
C PRO A 159 -46.97 12.39 -26.64
N PHE A 160 -45.78 11.78 -26.58
CA PHE A 160 -44.55 12.55 -26.40
C PHE A 160 -44.30 13.49 -27.57
N GLY A 161 -44.08 12.94 -28.74
CA GLY A 161 -43.84 13.74 -29.92
C GLY A 161 -42.80 13.08 -30.81
N GLY A 162 -42.36 13.85 -31.82
CA GLY A 162 -41.42 13.31 -32.79
C GLY A 162 -40.05 13.03 -32.20
N ALA A 163 -39.61 13.85 -31.24
CA ALA A 163 -38.25 13.74 -30.73
C ALA A 163 -38.02 12.42 -29.98
N ALA A 164 -38.91 12.09 -29.04
CA ALA A 164 -38.71 10.90 -28.24
C ALA A 164 -38.84 9.62 -29.07
N CYS A 165 -39.74 9.61 -30.05
CA CYS A 165 -39.94 8.46 -30.91
C CYS A 165 -38.69 8.11 -31.72
N SER A 166 -37.80 9.08 -31.94
CA SER A 166 -36.55 8.85 -32.66
C SER A 166 -35.35 8.88 -31.73
N ILE A 167 -35.56 8.73 -30.42
CA ILE A 167 -34.46 8.75 -29.47
C ILE A 167 -34.49 7.51 -28.57
N LEU A 168 -35.64 7.25 -27.96
CA LEU A 168 -35.72 6.20 -26.94
C LEU A 168 -35.42 4.80 -27.49
N PRO A 169 -36.05 4.34 -28.58
CA PRO A 169 -35.73 2.98 -29.07
C PRO A 169 -34.27 2.83 -29.44
N SER A 170 -33.65 3.90 -29.94
CA SER A 170 -32.22 3.84 -30.26
C SER A 170 -31.39 3.55 -29.02
N LEU A 171 -31.69 4.23 -27.91
CA LEU A 171 -30.94 3.99 -26.69
C LEU A 171 -31.17 2.57 -26.16
N ILE A 172 -32.42 2.09 -26.24
CA ILE A 172 -32.70 0.74 -25.74
C ILE A 172 -31.93 -0.30 -26.55
N LEU A 173 -31.97 -0.17 -27.88
CA LEU A 173 -31.26 -1.13 -28.74
C LEU A 173 -29.76 -1.03 -28.52
N LEU A 174 -29.24 0.18 -28.32
CA LEU A 174 -27.82 0.35 -28.03
C LEU A 174 -27.41 -0.40 -26.77
N ASN A 175 -28.21 -0.28 -25.71
CA ASN A 175 -27.90 -0.99 -24.47
C ASN A 175 -27.94 -2.50 -24.67
N MET A 176 -28.95 -3.00 -25.37
CA MET A 176 -29.06 -4.44 -25.58
C MET A 176 -27.86 -4.98 -26.37
N TYR A 177 -27.52 -4.31 -27.48
CA TYR A 177 -26.42 -4.77 -28.30
C TYR A 177 -25.08 -4.68 -27.56
N ALA A 178 -24.90 -3.62 -26.76
CA ALA A 178 -23.68 -3.52 -25.96
C ALA A 178 -23.58 -4.68 -24.98
N SER A 179 -24.69 -5.04 -24.35
CA SER A 179 -24.68 -6.18 -23.44
C SER A 179 -24.25 -7.46 -24.15
N ILE A 180 -24.82 -7.71 -25.33
CA ILE A 180 -24.50 -8.94 -26.06
C ILE A 180 -23.02 -8.97 -26.47
N LEU A 181 -22.53 -7.84 -27.00
CA LEU A 181 -21.15 -7.80 -27.46
C LEU A 181 -20.16 -7.95 -26.31
N LEU A 182 -20.48 -7.35 -25.14
CA LEU A 182 -19.63 -7.56 -23.97
C LEU A 182 -19.65 -9.02 -23.53
N LEU A 183 -20.82 -9.66 -23.58
CA LEU A 183 -20.88 -11.08 -23.24
C LEU A 183 -19.99 -11.91 -24.15
N ALA A 184 -19.89 -11.56 -25.43
CA ALA A 184 -19.02 -12.30 -26.33
C ALA A 184 -17.54 -12.01 -26.07
N THR A 185 -17.20 -10.73 -25.83
CA THR A 185 -15.80 -10.38 -25.66
C THR A 185 -15.23 -10.94 -24.35
N ILE A 186 -16.08 -11.14 -23.33
CA ILE A 186 -15.59 -11.77 -22.11
C ILE A 186 -15.12 -13.19 -22.38
N SER A 187 -15.88 -13.95 -23.16
CA SER A 187 -15.47 -15.30 -23.53
C SER A 187 -14.20 -15.28 -24.36
N ALA A 188 -14.09 -14.34 -25.30
CA ALA A 188 -12.86 -14.22 -26.06
C ALA A 188 -11.65 -13.99 -25.15
N ASP A 189 -11.81 -13.11 -24.16
CA ASP A 189 -10.72 -12.85 -23.22
C ASP A 189 -10.37 -14.08 -22.41
N ARG A 190 -11.39 -14.84 -21.98
CA ARG A 190 -11.11 -16.07 -21.24
C ARG A 190 -10.31 -17.06 -22.08
N PHE A 191 -10.66 -17.18 -23.36
CA PHE A 191 -9.88 -18.06 -24.24
C PHE A 191 -8.44 -17.57 -24.35
N LEU A 192 -8.24 -16.26 -24.47
CA LEU A 192 -6.87 -15.73 -24.55
C LEU A 192 -6.08 -16.05 -23.28
N LEU A 193 -6.71 -15.91 -22.11
CA LEU A 193 -6.02 -16.29 -20.88
C LEU A 193 -5.69 -17.78 -20.83
N VAL A 194 -6.62 -18.65 -21.25
CA VAL A 194 -6.40 -20.08 -21.09
C VAL A 194 -5.33 -20.59 -22.05
N PHE A 195 -5.36 -20.17 -23.31
CA PHE A 195 -4.47 -20.74 -24.32
C PHE A 195 -3.17 -19.97 -24.50
N LYS A 196 -2.91 -18.95 -23.69
CA LYS A 196 -1.69 -18.18 -23.85
C LYS A 196 -1.35 -17.44 -22.56
N PRO A 197 -0.82 -18.12 -21.55
CA PRO A 197 -0.62 -17.45 -20.25
C PRO A 197 0.67 -16.67 -20.14
N ILE A 198 1.71 -17.08 -20.87
CA ILE A 198 2.99 -16.40 -20.77
C ILE A 198 2.93 -15.01 -21.41
N TRP A 199 2.29 -14.91 -22.58
CA TRP A 199 2.12 -13.60 -23.20
C TRP A 199 1.23 -12.71 -22.33
N CYS A 200 0.18 -13.28 -21.74
CA CYS A 200 -0.70 -12.49 -20.87
C CYS A 200 0.06 -11.95 -19.67
N GLN A 201 0.89 -12.79 -19.02
CA GLN A 201 1.58 -12.34 -17.82
C GLN A 201 2.55 -11.20 -18.11
N ASN A 202 3.00 -11.05 -19.36
CA ASN A 202 3.92 -9.99 -19.74
C ASN A 202 3.24 -8.77 -20.37
N PHE A 203 2.06 -8.92 -20.94
CA PHE A 203 1.38 -7.82 -21.63
C PHE A 203 -0.09 -7.73 -21.22
N ARG A 204 -0.35 -7.76 -19.92
CA ARG A 204 -1.70 -7.58 -19.38
C ARG A 204 -1.76 -6.25 -18.64
N GLY A 205 -2.97 -5.86 -18.26
CA GLY A 205 -3.20 -4.65 -17.51
C GLY A 205 -4.20 -3.73 -18.18
N ALA A 206 -4.69 -2.78 -17.40
CA ALA A 206 -5.65 -1.81 -17.91
C ALA A 206 -5.04 -1.03 -19.07
N GLY A 207 -5.81 -0.90 -20.14
CA GLY A 207 -5.31 -0.30 -21.36
C GLY A 207 -5.77 -1.08 -22.58
N LEU A 208 -6.17 -2.32 -22.37
CA LEU A 208 -6.77 -3.16 -23.40
C LEU A 208 -8.23 -3.48 -23.13
N ALA A 209 -8.59 -3.71 -21.87
CA ALA A 209 -9.99 -3.92 -21.52
C ALA A 209 -10.81 -2.67 -21.83
N TRP A 210 -10.28 -1.49 -21.51
CA TRP A 210 -10.99 -0.25 -21.77
C TRP A 210 -11.11 0.04 -23.26
N ILE A 211 -10.20 -0.50 -24.08
CA ILE A 211 -10.32 -0.39 -25.53
C ILE A 211 -11.34 -1.37 -26.08
N ALA A 212 -11.33 -2.61 -25.58
CA ALA A 212 -12.29 -3.60 -26.04
C ALA A 212 -13.72 -3.18 -25.70
N CYS A 213 -13.92 -2.64 -24.49
CA CYS A 213 -15.26 -2.17 -24.12
C CYS A 213 -15.70 -1.01 -25.02
N ALA A 214 -14.78 -0.09 -25.32
CA ALA A 214 -15.12 1.02 -26.21
C ALA A 214 -15.48 0.52 -27.59
N VAL A 215 -14.75 -0.49 -28.09
CA VAL A 215 -15.06 -1.07 -29.39
C VAL A 215 -16.45 -1.69 -29.38
N ALA A 216 -16.78 -2.41 -28.30
CA ALA A 216 -18.11 -3.03 -28.19
C ALA A 216 -19.20 -1.97 -28.21
N TRP A 217 -19.01 -0.89 -27.45
CA TRP A 217 -20.00 0.18 -27.42
C TRP A 217 -20.14 0.85 -28.79
N GLY A 218 -19.01 1.04 -29.49
CA GLY A 218 -19.07 1.64 -30.81
C GLY A 218 -19.82 0.78 -31.81
N LEU A 219 -19.56 -0.53 -31.80
CA LEU A 219 -20.31 -1.42 -32.68
C LEU A 219 -21.79 -1.43 -32.33
N ALA A 220 -22.11 -1.36 -31.04
CA ALA A 220 -23.52 -1.29 -30.64
C ALA A 220 -24.18 -0.03 -31.20
N LEU A 221 -23.49 1.11 -31.10
CA LEU A 221 -24.05 2.35 -31.64
C LEU A 221 -24.20 2.29 -33.15
N LEU A 222 -23.23 1.69 -33.83
CA LEU A 222 -23.31 1.56 -35.28
C LEU A 222 -24.50 0.70 -35.68
N LEU A 223 -24.74 -0.39 -34.95
CA LEU A 223 -25.95 -1.19 -35.18
C LEU A 223 -27.20 -0.39 -34.89
N THR A 224 -27.15 0.49 -33.88
CA THR A 224 -28.32 1.27 -33.50
C THR A 224 -28.72 2.27 -34.59
N ILE A 225 -27.74 2.89 -35.24
CA ILE A 225 -27.92 4.03 -36.15
C ILE A 225 -29.18 3.97 -37.02
N PRO A 226 -29.46 2.86 -37.74
CA PRO A 226 -30.65 2.87 -38.62
C PRO A 226 -31.96 3.12 -37.89
N SER A 227 -32.10 2.60 -36.67
CA SER A 227 -33.30 2.89 -35.88
C SER A 227 -33.37 4.37 -35.53
N PHE A 228 -32.22 4.97 -35.20
CA PHE A 228 -32.16 6.40 -34.95
C PHE A 228 -32.49 7.22 -36.19
N LEU A 229 -32.31 6.64 -37.39
CA LEU A 229 -32.54 7.39 -38.63
C LEU A 229 -33.97 7.29 -39.13
N TYR A 230 -34.47 6.07 -39.33
CA TYR A 230 -35.69 5.84 -40.11
C TYR A 230 -36.93 5.65 -39.24
N ARG A 231 -37.07 6.38 -38.15
CA ARG A 231 -38.25 6.29 -37.30
C ARG A 231 -39.07 7.57 -37.43
N VAL A 232 -40.37 7.41 -37.67
CA VAL A 232 -41.29 8.53 -37.88
C VAL A 232 -42.53 8.32 -37.01
N VAL A 233 -43.50 9.23 -37.17
CA VAL A 233 -44.75 9.19 -36.42
C VAL A 233 -45.91 9.36 -37.38
N ARG A 234 -47.08 8.89 -36.94
CA ARG A 234 -48.31 9.01 -37.72
C ARG A 234 -49.50 8.98 -36.77
N GLU A 235 -50.64 9.45 -37.27
CA GLU A 235 -51.85 9.51 -36.48
C GLU A 235 -53.07 9.45 -37.41
N GLU A 236 -54.21 9.07 -36.82
CA GLU A 236 -55.47 9.00 -37.55
C GLU A 236 -56.26 10.27 -37.35
N TYR A 237 -57.05 10.63 -38.38
CA TYR A 237 -57.78 11.89 -38.38
C TYR A 237 -58.83 11.95 -37.27
N PHE A 238 -59.89 11.13 -37.37
CA PHE A 238 -60.97 11.21 -36.38
C PHE A 238 -60.64 10.45 -35.10
N PRO A 239 -60.29 9.16 -35.15
CA PRO A 239 -59.85 8.47 -33.94
C PRO A 239 -58.34 8.50 -33.80
N PRO A 240 -57.77 9.60 -33.27
CA PRO A 240 -56.31 9.76 -33.37
C PRO A 240 -55.55 8.77 -32.51
N LYS A 241 -55.02 7.73 -33.15
CA LYS A 241 -54.18 6.75 -32.48
C LYS A 241 -52.71 7.04 -32.79
N VAL A 242 -52.22 8.13 -32.20
CA VAL A 242 -50.82 8.52 -32.40
C VAL A 242 -49.91 7.43 -31.84
N LEU A 243 -48.91 7.05 -32.63
CA LEU A 243 -48.05 5.94 -32.27
C LEU A 243 -46.72 6.04 -33.00
N CYS A 244 -45.65 5.61 -32.33
CA CYS A 244 -44.33 5.57 -32.94
C CYS A 244 -44.19 4.32 -33.81
N GLY A 245 -43.78 4.50 -35.06
CA GLY A 245 -43.67 3.38 -35.98
C GLY A 245 -42.60 3.63 -37.02
N VAL A 246 -42.31 2.58 -37.79
CA VAL A 246 -41.26 2.61 -38.80
C VAL A 246 -41.89 2.79 -40.18
N ASP A 247 -41.19 3.52 -41.05
CA ASP A 247 -41.60 3.66 -42.45
C ASP A 247 -40.33 3.85 -43.27
N TYR A 248 -39.82 2.76 -43.82
CA TYR A 248 -38.58 2.78 -44.60
C TYR A 248 -38.88 3.36 -45.98
N SER A 249 -38.82 4.69 -46.06
CA SER A 249 -39.06 5.43 -47.30
C SER A 249 -40.46 5.20 -47.85
N HIS A 250 -40.79 5.86 -48.96
CA HIS A 250 -42.10 5.68 -49.56
C HIS A 250 -42.28 4.27 -50.09
N ASP A 251 -41.33 3.80 -50.89
CA ASP A 251 -41.38 2.46 -51.45
C ASP A 251 -39.96 2.04 -51.82
N LYS A 252 -39.42 1.06 -51.10
CA LYS A 252 -38.09 0.55 -51.37
C LYS A 252 -37.93 -0.80 -50.68
N ARG A 253 -37.05 -1.63 -51.25
CA ARG A 253 -36.72 -2.92 -50.67
C ARG A 253 -35.35 -2.93 -50.01
N ARG A 254 -34.86 -1.76 -49.58
CA ARG A 254 -33.60 -1.68 -48.88
C ARG A 254 -33.81 -2.00 -47.40
N GLU A 255 -34.44 -3.14 -47.14
CA GLU A 255 -34.68 -3.62 -45.79
C GLU A 255 -34.10 -5.01 -45.54
N ARG A 256 -34.00 -5.83 -46.58
CA ARG A 256 -33.42 -7.17 -46.41
C ARG A 256 -31.97 -7.08 -45.95
N ALA A 257 -31.21 -6.15 -46.52
CA ALA A 257 -29.81 -6.00 -46.11
C ALA A 257 -29.69 -5.60 -44.65
N VAL A 258 -30.51 -4.64 -44.21
CA VAL A 258 -30.46 -4.21 -42.81
C VAL A 258 -30.86 -5.35 -41.89
N ALA A 259 -31.93 -6.07 -42.23
CA ALA A 259 -32.37 -7.18 -41.40
C ALA A 259 -31.32 -8.28 -41.32
N ILE A 260 -30.70 -8.61 -42.45
CA ILE A 260 -29.67 -9.65 -42.47
C ILE A 260 -28.47 -9.23 -41.64
N VAL A 261 -28.04 -7.97 -41.78
CA VAL A 261 -26.88 -7.49 -41.02
C VAL A 261 -27.17 -7.53 -39.52
N ARG A 262 -28.36 -7.06 -39.13
CA ARG A 262 -28.72 -7.09 -37.72
C ARG A 262 -28.76 -8.51 -37.18
N LEU A 263 -29.43 -9.41 -37.91
CA LEU A 263 -29.53 -10.80 -37.46
C LEU A 263 -28.15 -11.42 -37.31
N VAL A 264 -27.30 -11.28 -38.34
CA VAL A 264 -25.97 -11.88 -38.29
C VAL A 264 -25.20 -11.34 -37.10
N LEU A 265 -24.96 -10.02 -37.09
CA LEU A 265 -24.09 -9.43 -36.07
C LEU A 265 -24.68 -9.50 -34.67
N GLY A 266 -25.97 -9.77 -34.52
CA GLY A 266 -26.53 -9.87 -33.19
C GLY A 266 -26.74 -11.28 -32.69
N PHE A 267 -26.74 -12.26 -33.59
CA PHE A 267 -26.99 -13.61 -33.08
C PHE A 267 -25.96 -14.64 -33.52
N LEU A 268 -25.47 -14.57 -34.76
CA LEU A 268 -24.69 -15.68 -35.29
C LEU A 268 -23.21 -15.59 -34.96
N TRP A 269 -22.67 -14.39 -34.79
CA TRP A 269 -21.26 -14.25 -34.45
C TRP A 269 -21.02 -14.49 -32.96
N PRO A 270 -21.78 -13.87 -32.04
CA PRO A 270 -21.56 -14.19 -30.62
C PRO A 270 -21.82 -15.64 -30.27
N LEU A 271 -22.80 -16.29 -30.90
CA LEU A 271 -23.09 -17.68 -30.62
C LEU A 271 -21.90 -18.56 -31.02
N LEU A 272 -21.37 -18.35 -32.23
CA LEU A 272 -20.22 -19.13 -32.67
C LEU A 272 -19.01 -18.87 -31.79
N THR A 273 -18.77 -17.60 -31.43
CA THR A 273 -17.63 -17.28 -30.57
C THR A 273 -17.75 -18.01 -29.23
N LEU A 274 -18.91 -17.89 -28.58
CA LEU A 274 -19.12 -18.56 -27.29
C LEU A 274 -18.90 -20.06 -27.42
N THR A 275 -19.54 -20.69 -28.41
CA THR A 275 -19.46 -22.13 -28.53
C THR A 275 -18.03 -22.60 -28.76
N ILE A 276 -17.33 -21.99 -29.73
CA ILE A 276 -15.98 -22.43 -30.05
C ILE A 276 -15.04 -22.21 -28.88
N CYS A 277 -15.08 -21.00 -28.29
CA CYS A 277 -14.16 -20.70 -27.19
C CYS A 277 -14.38 -21.62 -26.01
N TYR A 278 -15.64 -21.84 -25.63
CA TYR A 278 -15.91 -22.67 -24.46
C TYR A 278 -15.61 -24.14 -24.74
N THR A 279 -15.87 -24.61 -25.97
CA THR A 279 -15.51 -25.98 -26.29
C THR A 279 -14.01 -26.20 -26.21
N PHE A 280 -13.22 -25.28 -26.75
CA PHE A 280 -11.77 -25.44 -26.68
C PHE A 280 -11.26 -25.34 -25.25
N ILE A 281 -11.84 -24.43 -24.46
CA ILE A 281 -11.42 -24.30 -23.06
C ILE A 281 -11.72 -25.59 -22.30
N LEU A 282 -12.91 -26.16 -22.51
CA LEU A 282 -13.25 -27.41 -21.85
C LEU A 282 -12.36 -28.55 -22.31
N LEU A 283 -12.03 -28.59 -23.60
CA LEU A 283 -11.16 -29.66 -24.10
C LEU A 283 -9.76 -29.58 -23.49
N ARG A 284 -9.21 -28.37 -23.38
CA ARG A 284 -7.86 -28.23 -22.85
C ARG A 284 -7.83 -28.44 -21.34
N THR A 285 -8.82 -27.92 -20.62
CA THR A 285 -8.79 -27.96 -19.17
C THR A 285 -8.83 -29.39 -18.63
N TRP A 286 -9.67 -30.24 -19.23
CA TRP A 286 -9.88 -31.59 -18.73
C TRP A 286 -8.84 -32.59 -19.23
N SER A 287 -7.67 -32.11 -19.68
CA SER A 287 -6.62 -33.01 -20.16
C SER A 287 -5.68 -33.43 -19.03
N ARG A 288 -5.05 -32.46 -18.38
CA ARG A 288 -4.12 -32.71 -17.28
C ARG A 288 -4.85 -32.58 -15.94
N ARG A 289 -4.23 -33.15 -14.90
CA ARG A 289 -4.80 -33.06 -13.58
C ARG A 289 -4.57 -31.67 -12.99
N ALA A 290 -5.12 -31.45 -11.79
CA ALA A 290 -5.06 -30.18 -11.08
C ALA A 290 -5.73 -29.05 -11.86
N THR A 291 -6.57 -29.39 -12.84
CA THR A 291 -7.31 -28.40 -13.60
C THR A 291 -8.78 -28.78 -13.66
N ARG A 292 -9.08 -30.07 -13.51
CA ARG A 292 -10.46 -30.53 -13.51
C ARG A 292 -11.20 -29.99 -12.29
N SER A 293 -12.41 -29.48 -12.52
CA SER A 293 -13.21 -28.90 -11.45
C SER A 293 -14.67 -29.33 -11.44
N THR A 294 -15.21 -29.86 -12.54
CA THR A 294 -16.61 -30.22 -12.69
C THR A 294 -17.55 -29.02 -12.52
N LYS A 295 -16.99 -27.81 -12.49
CA LYS A 295 -17.78 -26.58 -12.41
C LYS A 295 -17.74 -25.77 -13.70
N THR A 296 -16.65 -25.85 -14.45
CA THR A 296 -16.56 -25.16 -15.73
C THR A 296 -17.63 -25.66 -16.70
N LEU A 297 -17.88 -26.96 -16.70
CA LEU A 297 -18.96 -27.50 -17.53
C LEU A 297 -20.30 -26.91 -17.11
N LYS A 298 -20.55 -26.81 -15.80
CA LYS A 298 -21.81 -26.25 -15.32
C LYS A 298 -21.99 -24.82 -15.78
N VAL A 299 -20.96 -23.98 -15.60
CA VAL A 299 -21.11 -22.57 -15.95
C VAL A 299 -21.22 -22.40 -17.47
N VAL A 300 -20.47 -23.21 -18.24
CA VAL A 300 -20.54 -23.10 -19.70
C VAL A 300 -21.93 -23.46 -20.19
N VAL A 301 -22.50 -24.54 -19.66
CA VAL A 301 -23.86 -24.92 -20.05
C VAL A 301 -24.85 -23.83 -19.65
N ALA A 302 -24.75 -23.35 -18.40
CA ALA A 302 -25.69 -22.36 -17.91
C ALA A 302 -25.64 -21.06 -18.71
N VAL A 303 -24.48 -20.75 -19.30
CA VAL A 303 -24.39 -19.56 -20.13
C VAL A 303 -24.94 -19.82 -21.53
N VAL A 304 -24.40 -20.84 -22.21
CA VAL A 304 -24.70 -21.02 -23.63
C VAL A 304 -26.15 -21.44 -23.84
N ALA A 305 -26.64 -22.39 -23.04
CA ALA A 305 -28.01 -22.86 -23.20
C ALA A 305 -29.00 -21.73 -22.95
N SER A 306 -28.77 -20.94 -21.90
CA SER A 306 -29.66 -19.82 -21.60
C SER A 306 -29.66 -18.81 -22.74
N PHE A 307 -28.48 -18.46 -23.25
CA PHE A 307 -28.41 -17.50 -24.35
C PHE A 307 -29.18 -17.99 -25.56
N PHE A 308 -28.92 -19.23 -26.00
CA PHE A 308 -29.56 -19.74 -27.20
C PHE A 308 -31.07 -19.89 -27.02
N ILE A 309 -31.50 -20.35 -25.85
CA ILE A 309 -32.93 -20.52 -25.60
C ILE A 309 -33.63 -19.17 -25.60
N PHE A 310 -33.02 -18.16 -24.98
CA PHE A 310 -33.74 -16.91 -24.73
C PHE A 310 -33.71 -15.96 -25.92
N TRP A 311 -32.69 -16.02 -26.78
CA TRP A 311 -32.63 -15.07 -27.89
C TRP A 311 -33.04 -15.68 -29.23
N LEU A 312 -33.65 -16.86 -29.24
CA LEU A 312 -34.13 -17.42 -30.50
C LEU A 312 -35.46 -16.82 -30.95
N PRO A 313 -36.53 -16.82 -30.14
CA PRO A 313 -37.82 -16.32 -30.65
C PRO A 313 -37.77 -14.86 -31.09
N TYR A 314 -37.02 -14.03 -30.39
CA TYR A 314 -36.88 -12.62 -30.79
C TYR A 314 -36.38 -12.51 -32.21
N GLN A 315 -35.26 -13.18 -32.52
CA GLN A 315 -34.67 -13.07 -33.85
C GLN A 315 -35.57 -13.69 -34.91
N VAL A 316 -36.16 -14.85 -34.63
CA VAL A 316 -36.96 -15.51 -35.65
C VAL A 316 -38.20 -14.69 -35.96
N THR A 317 -38.87 -14.16 -34.94
CA THR A 317 -40.06 -13.33 -35.17
C THR A 317 -39.69 -12.03 -35.88
N GLY A 318 -38.56 -11.43 -35.52
CA GLY A 318 -38.15 -10.20 -36.18
C GLY A 318 -37.88 -10.42 -37.67
N ILE A 319 -37.14 -11.48 -38.00
CA ILE A 319 -36.84 -11.72 -39.41
C ILE A 319 -38.10 -12.16 -40.17
N MET A 320 -39.03 -12.84 -39.50
CA MET A 320 -40.28 -13.18 -40.16
C MET A 320 -41.12 -11.93 -40.46
N MET A 321 -41.16 -10.98 -39.52
CA MET A 321 -41.95 -9.79 -39.71
C MET A 321 -41.31 -8.81 -40.69
N SER A 322 -39.97 -8.84 -40.81
CA SER A 322 -39.30 -7.89 -41.68
C SER A 322 -39.63 -8.15 -43.15
N PHE A 323 -39.88 -9.41 -43.51
CA PHE A 323 -40.13 -9.79 -44.90
C PHE A 323 -41.60 -9.89 -45.26
N LEU A 324 -42.50 -9.56 -44.34
CA LEU A 324 -43.93 -9.73 -44.57
C LEU A 324 -44.60 -8.38 -44.84
N GLU A 325 -45.55 -8.38 -45.77
CA GLU A 325 -46.30 -7.18 -46.08
C GLU A 325 -47.22 -6.81 -44.92
N PRO A 326 -47.61 -5.54 -44.83
CA PRO A 326 -48.48 -5.12 -43.71
C PRO A 326 -49.84 -5.80 -43.69
N SER A 327 -50.29 -6.37 -44.81
CA SER A 327 -51.60 -7.02 -44.89
C SER A 327 -51.39 -8.49 -45.25
N SER A 328 -51.37 -9.35 -44.25
CA SER A 328 -51.27 -10.79 -44.44
C SER A 328 -51.76 -11.47 -43.17
N PRO A 329 -52.22 -12.73 -43.27
CA PRO A 329 -52.74 -13.42 -42.08
C PRO A 329 -51.70 -13.65 -41.00
N THR A 330 -50.50 -14.11 -41.39
CA THR A 330 -49.46 -14.39 -40.42
C THR A 330 -48.94 -13.11 -39.75
N PHE A 331 -49.06 -11.98 -40.44
CA PHE A 331 -48.56 -10.72 -39.88
C PHE A 331 -49.31 -10.36 -38.60
N LEU A 332 -50.62 -10.58 -38.58
CA LEU A 332 -51.41 -10.27 -37.39
C LEU A 332 -50.98 -11.12 -36.20
N LEU A 333 -50.78 -12.42 -36.42
CA LEU A 333 -50.35 -13.31 -35.34
C LEU A 333 -48.97 -12.93 -34.84
N LEU A 334 -48.05 -12.60 -35.77
CA LEU A 334 -46.71 -12.20 -35.36
C LEU A 334 -46.76 -10.89 -34.55
N LYS A 335 -47.59 -9.94 -34.98
CA LYS A 335 -47.74 -8.70 -34.23
C LYS A 335 -48.33 -8.95 -32.85
N LYS A 336 -49.24 -9.92 -32.74
CA LYS A 336 -49.80 -10.27 -31.43
C LYS A 336 -48.75 -10.90 -30.53
N LEU A 337 -47.84 -11.70 -31.09
CA LEU A 337 -46.84 -12.41 -30.29
C LEU A 337 -45.55 -11.61 -30.08
N ASP A 338 -45.40 -10.45 -30.72
CA ASP A 338 -44.16 -9.70 -30.63
C ASP A 338 -43.86 -9.26 -29.19
N SER A 339 -44.86 -8.77 -28.48
CA SER A 339 -44.64 -8.32 -27.10
C SER A 339 -44.24 -9.46 -26.18
N LEU A 340 -44.88 -10.63 -26.31
CA LEU A 340 -44.47 -11.79 -25.54
C LEU A 340 -43.04 -12.21 -25.88
N CYS A 341 -42.68 -12.12 -27.17
CA CYS A 341 -41.31 -12.44 -27.56
C CYS A 341 -40.30 -11.51 -26.88
N VAL A 342 -40.59 -10.21 -26.86
CA VAL A 342 -39.68 -9.25 -26.24
C VAL A 342 -39.58 -9.50 -24.73
N SER A 343 -40.72 -9.76 -24.08
CA SER A 343 -40.71 -10.05 -22.65
C SER A 343 -39.90 -11.30 -22.35
N PHE A 344 -40.01 -12.32 -23.21
CA PHE A 344 -39.18 -13.51 -23.07
C PHE A 344 -37.71 -13.19 -23.28
N ALA A 345 -37.39 -12.29 -24.21
CA ALA A 345 -36.00 -11.95 -24.49
C ALA A 345 -35.33 -11.30 -23.28
N TYR A 346 -36.06 -10.42 -22.59
CA TYR A 346 -35.44 -9.69 -21.47
C TYR A 346 -35.03 -10.59 -20.30
N ILE A 347 -35.49 -11.85 -20.28
CA ILE A 347 -35.17 -12.74 -19.17
C ILE A 347 -33.67 -13.02 -19.10
N ASN A 348 -32.98 -13.04 -20.24
CA ASN A 348 -31.54 -13.26 -20.23
C ASN A 348 -30.80 -12.14 -19.51
N CYS A 349 -31.17 -10.89 -19.80
CA CYS A 349 -30.59 -9.77 -19.09
C CYS A 349 -30.97 -9.78 -17.62
N CYS A 350 -32.18 -10.28 -17.30
CA CYS A 350 -32.55 -10.44 -15.91
C CYS A 350 -31.66 -11.45 -15.19
N ILE A 351 -31.33 -12.55 -15.86
CA ILE A 351 -30.62 -13.66 -15.23
C ILE A 351 -29.10 -13.43 -15.16
N ASN A 352 -28.53 -12.69 -16.11
CA ASN A 352 -27.07 -12.56 -16.18
C ASN A 352 -26.39 -12.18 -14.87
N PRO A 353 -26.87 -11.21 -14.09
CA PRO A 353 -26.17 -10.90 -12.83
C PRO A 353 -26.20 -12.02 -11.80
N ILE A 354 -27.13 -12.99 -11.93
CA ILE A 354 -27.28 -14.02 -10.91
C ILE A 354 -26.06 -14.95 -10.88
N ILE A 355 -25.52 -15.27 -12.06
CA ILE A 355 -24.40 -16.20 -12.13
C ILE A 355 -23.16 -15.62 -11.46
N TYR A 356 -22.91 -14.31 -11.66
CA TYR A 356 -21.75 -13.67 -11.05
C TYR A 356 -21.79 -13.73 -9.53
N VAL A 357 -22.97 -13.85 -8.93
CA VAL A 357 -23.08 -13.99 -7.48
C VAL A 357 -23.05 -15.45 -7.06
N VAL A 358 -23.72 -16.32 -7.80
CA VAL A 358 -23.81 -17.73 -7.41
C VAL A 358 -22.45 -18.41 -7.52
N ALA A 359 -21.77 -18.23 -8.67
CA ALA A 359 -20.52 -18.90 -8.94
C ALA A 359 -19.32 -17.96 -8.91
N GLY A 360 -19.46 -16.79 -8.30
CA GLY A 360 -18.38 -15.83 -8.25
C GLY A 360 -17.37 -16.10 -7.17
N GLN A 361 -16.80 -17.32 -7.16
CA GLN A 361 -15.81 -17.75 -6.17
C GLN A 361 -16.45 -17.60 -4.79
N GLY A 362 -15.75 -17.02 -3.81
CA GLY A 362 -16.35 -16.76 -2.53
C GLY A 362 -16.83 -15.32 -2.40
N PHE A 363 -18.13 -15.10 -2.56
CA PHE A 363 -18.74 -13.78 -2.53
C PHE A 363 -19.91 -13.83 -1.55
N GLN A 364 -19.61 -13.63 -0.27
CA GLN A 364 -20.65 -13.60 0.76
C GLN A 364 -20.51 -12.46 1.75
N GLY A 365 -19.33 -11.87 1.92
CA GLY A 365 -19.14 -10.80 2.88
C GLY A 365 -18.46 -9.58 2.30
N ARG A 366 -18.31 -9.54 0.97
CA ARG A 366 -17.70 -8.38 0.34
C ARG A 366 -18.58 -7.13 0.48
N LEU A 367 -19.89 -7.32 0.59
CA LEU A 367 -20.77 -6.19 0.87
C LEU A 367 -20.47 -5.58 2.23
N ARG A 368 -20.26 -6.42 3.25
CA ARG A 368 -19.88 -5.92 4.56
C ARG A 368 -18.49 -5.30 4.53
N LYS A 369 -17.57 -5.91 3.78
CA LYS A 369 -16.23 -5.36 3.64
C LYS A 369 -16.24 -4.01 2.92
N SER A 370 -17.19 -3.80 2.03
CA SER A 370 -17.30 -2.54 1.29
C SER A 370 -18.09 -1.51 2.09
N SER B 18 -6.97 26.82 -0.79
CA SER B 18 -5.86 26.61 0.12
C SER B 18 -4.69 27.53 -0.22
N ALA B 19 -3.64 27.43 0.58
CA ALA B 19 -2.40 28.18 0.37
C ALA B 19 -1.57 27.48 -0.70
N GLU B 20 -0.30 27.84 -0.80
CA GLU B 20 0.61 27.25 -1.77
C GLU B 20 0.90 25.76 -1.52
N GLU B 21 0.21 25.07 -0.60
CA GLU B 21 0.34 23.63 -0.42
C GLU B 21 -0.07 22.83 -1.65
N ARG B 22 -0.52 23.49 -2.71
CA ARG B 22 -0.76 22.79 -3.97
C ARG B 22 0.52 22.16 -4.50
N ALA B 23 1.67 22.75 -4.21
CA ALA B 23 2.94 22.14 -4.59
C ALA B 23 3.17 20.83 -3.85
N ALA B 24 2.84 20.79 -2.55
CA ALA B 24 2.94 19.55 -1.80
C ALA B 24 1.97 18.51 -2.34
N LEU B 25 0.76 18.94 -2.71
CA LEU B 25 -0.19 18.00 -3.30
C LEU B 25 0.34 17.43 -4.62
N GLU B 26 0.96 18.28 -5.45
CA GLU B 26 1.55 17.82 -6.70
C GLU B 26 2.69 16.83 -6.44
N ARG B 27 3.52 17.10 -5.42
CA ARG B 27 4.58 16.18 -5.06
C ARG B 27 4.01 14.83 -4.64
N SER B 28 2.94 14.84 -3.84
CA SER B 28 2.30 13.60 -3.43
C SER B 28 1.76 12.84 -4.61
N LYS B 29 1.16 13.55 -5.58
CA LYS B 29 0.64 12.90 -6.78
C LYS B 29 1.76 12.25 -7.58
N ALA B 30 2.89 12.94 -7.70
CA ALA B 30 4.04 12.35 -8.41
C ALA B 30 4.54 11.11 -7.70
N ILE B 31 4.63 11.15 -6.36
CA ILE B 31 5.06 9.98 -5.61
C ILE B 31 4.11 8.81 -5.86
N GLU B 32 2.80 9.07 -5.81
CA GLU B 32 1.83 8.01 -6.02
C GLU B 32 1.93 7.41 -7.42
N LYS B 33 2.11 8.26 -8.42
CA LYS B 33 2.24 7.76 -9.80
C LYS B 33 3.48 6.88 -9.95
N ASN B 34 4.61 7.32 -9.38
CA ASN B 34 5.83 6.51 -9.46
C ASN B 34 5.65 5.17 -8.74
N LEU B 35 5.00 5.19 -7.58
CA LEU B 35 4.76 3.94 -6.85
C LEU B 35 3.87 3.00 -7.65
N LYS B 36 2.81 3.53 -8.28
CA LYS B 36 1.93 2.69 -9.08
C LYS B 36 2.68 2.08 -10.27
N GLU B 37 3.51 2.89 -10.93
CA GLU B 37 4.29 2.36 -12.06
C GLU B 37 5.23 1.26 -11.61
N ASP B 38 5.94 1.46 -10.50
CA ASP B 38 6.84 0.43 -10.00
C ASP B 38 6.08 -0.83 -9.62
N GLY B 39 4.93 -0.68 -8.98
CA GLY B 39 4.15 -1.85 -8.60
C GLY B 39 3.65 -2.65 -9.79
N ILE B 40 3.18 -1.97 -10.83
CA ILE B 40 2.71 -2.72 -12.00
C ILE B 40 3.88 -3.29 -12.79
N SER B 41 5.07 -2.70 -12.67
CA SER B 41 6.23 -3.23 -13.37
C SER B 41 6.94 -4.34 -12.61
N ALA B 42 6.65 -4.52 -11.33
CA ALA B 42 7.36 -5.51 -10.51
C ALA B 42 6.52 -6.75 -10.21
N ALA B 43 5.47 -7.02 -11.00
CA ALA B 43 4.60 -8.17 -10.77
C ALA B 43 4.67 -9.19 -11.90
N LYS B 44 5.68 -9.11 -12.76
CA LYS B 44 5.83 -10.01 -13.89
C LYS B 44 6.83 -11.12 -13.63
N ASP B 45 7.36 -11.22 -12.41
CA ASP B 45 8.37 -12.21 -12.06
C ASP B 45 7.75 -13.40 -11.35
N VAL B 46 8.49 -14.51 -11.33
CA VAL B 46 8.07 -15.74 -10.70
C VAL B 46 9.01 -16.02 -9.53
N LYS B 47 8.45 -16.14 -8.33
CA LYS B 47 9.23 -16.36 -7.12
C LYS B 47 9.17 -17.83 -6.72
N LEU B 48 10.32 -18.37 -6.32
CA LEU B 48 10.42 -19.76 -5.92
C LEU B 48 11.23 -19.85 -4.62
N LEU B 49 10.94 -20.89 -3.85
CA LEU B 49 11.64 -21.16 -2.60
C LEU B 49 12.46 -22.43 -2.76
N LEU B 50 13.70 -22.40 -2.28
CA LEU B 50 14.64 -23.50 -2.45
C LEU B 50 14.98 -24.05 -1.07
N LEU B 51 14.23 -25.05 -0.64
CA LEU B 51 14.44 -25.70 0.64
C LEU B 51 15.04 -27.08 0.42
N GLY B 52 15.70 -27.60 1.45
CA GLY B 52 16.31 -28.91 1.37
C GLY B 52 17.25 -29.14 2.53
N ALA B 53 17.78 -30.36 2.58
CA ALA B 53 18.72 -30.72 3.62
C ALA B 53 20.10 -30.15 3.32
N ASP B 54 20.97 -30.18 4.33
CA ASP B 54 22.31 -29.66 4.17
C ASP B 54 23.13 -30.53 3.23
N ASN B 55 23.91 -29.88 2.36
CA ASN B 55 24.76 -30.58 1.40
C ASN B 55 23.95 -31.53 0.51
N SER B 56 22.82 -31.04 0.01
CA SER B 56 21.94 -31.84 -0.84
C SER B 56 22.14 -31.60 -2.32
N GLY B 57 22.54 -30.39 -2.72
CA GLY B 57 22.76 -30.10 -4.13
C GLY B 57 22.11 -28.81 -4.61
N LYS B 58 21.62 -27.99 -3.66
CA LYS B 58 21.03 -26.72 -4.03
C LYS B 58 22.06 -25.80 -4.67
N SER B 59 23.27 -25.74 -4.11
CA SER B 59 24.32 -24.93 -4.71
C SER B 59 24.68 -25.43 -6.09
N THR B 60 24.77 -26.75 -6.27
CA THR B 60 25.09 -27.30 -7.58
C THR B 60 24.00 -26.99 -8.60
N ILE B 61 22.74 -27.12 -8.21
CA ILE B 61 21.65 -26.90 -9.16
C ILE B 61 21.52 -25.42 -9.50
N VAL B 62 21.86 -24.52 -8.57
CA VAL B 62 21.78 -23.11 -8.92
C VAL B 62 23.02 -22.67 -9.70
N LYS B 63 24.16 -23.33 -9.51
CA LYS B 63 25.35 -22.98 -10.28
C LYS B 63 25.25 -23.48 -11.71
N GLN B 64 24.78 -24.72 -11.90
CA GLN B 64 24.66 -25.26 -13.25
C GLN B 64 23.61 -24.51 -14.06
N MET B 65 22.49 -24.17 -13.44
CA MET B 65 21.43 -23.44 -14.13
C MET B 65 21.75 -21.97 -14.33
N LYS B 66 22.84 -21.47 -13.72
CA LYS B 66 23.25 -20.08 -13.84
C LYS B 66 22.15 -19.12 -13.40
N THR B 78 24.52 -13.04 1.56
CA THR B 78 25.66 -13.83 2.02
C THR B 78 25.34 -14.53 3.33
N THR B 79 25.48 -13.80 4.43
CA THR B 79 25.18 -14.37 5.75
C THR B 79 23.69 -14.67 5.88
N GLY B 80 22.83 -13.81 5.36
CA GLY B 80 21.40 -13.99 5.45
C GLY B 80 20.82 -14.74 4.27
N ILE B 81 19.89 -14.09 3.57
CA ILE B 81 19.27 -14.69 2.40
C ILE B 81 20.10 -14.39 1.17
N VAL B 82 20.18 -15.35 0.26
CA VAL B 82 20.87 -15.19 -1.02
C VAL B 82 19.87 -15.49 -2.14
N GLU B 83 19.83 -14.60 -3.13
CA GLU B 83 18.88 -14.70 -4.23
C GLU B 83 19.61 -14.70 -5.55
N THR B 84 19.17 -15.57 -6.46
CA THR B 84 19.69 -15.64 -7.81
C THR B 84 18.53 -15.70 -8.79
N HIS B 85 18.74 -15.11 -9.96
CA HIS B 85 17.66 -14.97 -10.94
C HIS B 85 18.19 -15.31 -12.33
N PHE B 86 17.27 -15.78 -13.18
CA PHE B 86 17.59 -16.09 -14.56
C PHE B 86 16.32 -16.03 -15.39
N THR B 87 16.48 -15.82 -16.69
CA THR B 87 15.36 -15.73 -17.62
C THR B 87 15.36 -16.93 -18.56
N PHE B 88 14.18 -17.49 -18.79
CA PHE B 88 14.06 -18.68 -19.62
C PHE B 88 12.74 -18.61 -20.39
N LYS B 89 12.83 -18.47 -21.71
CA LYS B 89 11.67 -18.45 -22.60
C LYS B 89 10.68 -17.35 -22.20
N ASN B 90 11.19 -16.11 -22.20
CA ASN B 90 10.38 -14.92 -21.93
C ASN B 90 9.70 -14.99 -20.57
N LEU B 91 10.38 -15.62 -19.60
CA LEU B 91 9.87 -15.73 -18.25
C LEU B 91 11.01 -15.45 -17.27
N HIS B 92 10.75 -14.58 -16.30
CA HIS B 92 11.77 -14.20 -15.32
C HIS B 92 11.59 -14.99 -14.05
N PHE B 93 12.64 -15.70 -13.64
CA PHE B 93 12.61 -16.57 -12.47
C PHE B 93 13.39 -15.93 -11.33
N ARG B 94 12.79 -15.89 -10.15
CA ARG B 94 13.45 -15.43 -8.93
C ARG B 94 13.53 -16.60 -7.97
N LEU B 95 14.72 -16.91 -7.50
CA LEU B 95 14.99 -18.09 -6.69
C LEU B 95 15.67 -17.68 -5.40
N PHE B 96 15.09 -18.08 -4.27
CA PHE B 96 15.56 -17.65 -2.95
C PHE B 96 16.08 -18.85 -2.18
N ASP B 97 17.27 -18.72 -1.61
CA ASP B 97 17.89 -19.76 -0.79
C ASP B 97 18.05 -19.21 0.62
N VAL B 98 17.05 -19.45 1.46
CA VAL B 98 17.03 -18.91 2.81
C VAL B 98 17.49 -19.96 3.84
N GLY B 99 18.10 -21.04 3.38
CA GLY B 99 18.58 -22.08 4.27
C GLY B 99 19.99 -21.89 4.80
N GLY B 100 20.63 -20.76 4.48
CA GLY B 100 21.99 -20.53 4.93
C GLY B 100 22.13 -19.98 6.32
N GLN B 101 21.04 -19.51 6.94
CA GLN B 101 21.08 -18.94 8.27
C GLN B 101 20.31 -19.83 9.23
N ARG B 102 20.90 -20.10 10.39
CA ARG B 102 20.36 -21.06 11.35
C ARG B 102 19.63 -20.30 12.46
N SER B 103 18.35 -20.60 12.63
CA SER B 103 17.50 -20.01 13.65
C SER B 103 16.21 -20.84 13.69
N GLU B 104 15.24 -20.37 14.46
CA GLU B 104 13.94 -21.04 14.50
C GLU B 104 13.19 -20.79 13.20
N ARG B 105 12.77 -21.87 12.54
CA ARG B 105 12.15 -21.73 11.22
C ARG B 105 10.75 -21.12 11.31
N LYS B 106 10.03 -21.41 12.39
CA LYS B 106 8.65 -20.95 12.50
C LYS B 106 8.54 -19.44 12.69
N LYS B 107 9.64 -18.77 13.04
CA LYS B 107 9.59 -17.33 13.31
C LYS B 107 9.66 -16.48 12.05
N TRP B 108 10.05 -17.05 10.91
CA TRP B 108 10.12 -16.27 9.67
C TRP B 108 9.57 -17.02 8.47
N ILE B 109 9.00 -18.22 8.65
CA ILE B 109 8.49 -18.96 7.51
C ILE B 109 7.21 -18.35 6.96
N HIS B 110 6.57 -17.45 7.71
CA HIS B 110 5.38 -16.78 7.22
C HIS B 110 5.68 -15.66 6.24
N CYS B 111 6.96 -15.28 6.10
CA CYS B 111 7.33 -14.25 5.14
C CYS B 111 7.35 -14.80 3.71
N PHE B 112 7.47 -16.12 3.55
CA PHE B 112 7.66 -16.74 2.24
C PHE B 112 6.38 -17.32 1.68
N GLU B 113 5.24 -17.06 2.31
CA GLU B 113 3.97 -17.46 1.73
C GLU B 113 3.67 -16.59 0.50
N ASP B 114 2.60 -16.94 -0.21
CA ASP B 114 2.26 -16.32 -1.48
C ASP B 114 3.39 -16.49 -2.49
N VAL B 115 4.03 -17.66 -2.47
CA VAL B 115 5.08 -18.01 -3.41
C VAL B 115 4.52 -19.10 -4.33
N THR B 116 5.09 -19.19 -5.53
CA THR B 116 4.53 -20.08 -6.54
C THR B 116 4.67 -21.55 -6.16
N ALA B 117 5.88 -21.96 -5.77
CA ALA B 117 6.13 -23.38 -5.49
C ALA B 117 7.40 -23.52 -4.68
N ILE B 118 7.56 -24.71 -4.09
CA ILE B 118 8.77 -25.10 -3.38
C ILE B 118 9.58 -26.00 -4.30
N ILE B 119 10.90 -25.92 -4.18
CA ILE B 119 11.80 -26.64 -5.07
C ILE B 119 12.61 -27.67 -4.29
N PHE B 120 11.97 -28.27 -3.27
CA PHE B 120 12.62 -29.26 -2.41
C PHE B 120 13.43 -30.27 -3.21
N CYS B 121 14.64 -30.55 -2.73
CA CYS B 121 15.55 -31.49 -3.38
C CYS B 121 16.09 -32.48 -2.35
N VAL B 122 16.36 -33.69 -2.80
CA VAL B 122 16.77 -34.79 -1.92
C VAL B 122 18.00 -35.47 -2.51
N ASP B 123 18.97 -35.76 -1.66
CA ASP B 123 20.13 -36.54 -2.04
C ASP B 123 19.86 -38.03 -1.83
N LEU B 124 20.58 -38.87 -2.58
CA LEU B 124 20.39 -40.31 -2.56
C LEU B 124 21.67 -41.02 -2.15
N SER B 125 22.35 -40.51 -1.12
CA SER B 125 23.56 -41.15 -0.63
C SER B 125 23.64 -41.25 0.88
N ASP B 126 22.80 -40.55 1.64
CA ASP B 126 22.85 -40.61 3.09
C ASP B 126 22.30 -41.95 3.60
N MET B 140 19.16 -39.42 6.44
CA MET B 140 18.09 -39.43 5.45
C MET B 140 16.73 -39.24 6.11
N HIS B 141 16.60 -39.75 7.34
CA HIS B 141 15.34 -39.61 8.06
C HIS B 141 15.06 -38.15 8.41
N GLU B 142 16.11 -37.37 8.68
CA GLU B 142 15.91 -35.95 8.96
C GLU B 142 15.34 -35.22 7.75
N SER B 143 15.79 -35.58 6.54
CA SER B 143 15.23 -34.98 5.33
C SER B 143 13.75 -35.31 5.18
N LEU B 144 13.37 -36.56 5.47
CA LEU B 144 11.98 -36.93 5.38
C LEU B 144 11.14 -36.22 6.44
N MET B 145 11.69 -36.04 7.64
CA MET B 145 10.98 -35.27 8.67
C MET B 145 10.81 -33.82 8.23
N LEU B 146 11.83 -33.24 7.60
CA LEU B 146 11.71 -31.88 7.09
C LEU B 146 10.65 -31.80 6.01
N PHE B 147 10.58 -32.80 5.12
CA PHE B 147 9.54 -32.82 4.10
C PHE B 147 8.16 -32.91 4.73
N ASP B 148 8.00 -33.73 5.76
CA ASP B 148 6.72 -33.82 6.45
C ASP B 148 6.36 -32.49 7.09
N SER B 149 7.34 -31.81 7.69
CA SER B 149 7.08 -30.52 8.33
C SER B 149 6.66 -29.47 7.31
N ILE B 150 7.33 -29.42 6.16
CA ILE B 150 7.04 -28.37 5.18
C ILE B 150 5.68 -28.60 4.53
N CYS B 151 5.38 -29.84 4.15
CA CYS B 151 4.18 -30.10 3.35
C CYS B 151 2.90 -29.83 4.14
N ASN B 152 2.88 -30.18 5.42
CA ASN B 152 1.67 -30.11 6.24
C ASN B 152 1.59 -28.81 7.03
N ASN B 153 2.15 -27.72 6.50
CA ASN B 153 2.09 -26.44 7.19
C ASN B 153 0.77 -25.73 6.89
N LYS B 154 0.42 -24.80 7.77
CA LYS B 154 -0.83 -24.06 7.59
C LYS B 154 -0.70 -23.02 6.49
N PHE B 155 0.47 -22.40 6.35
CA PHE B 155 0.66 -21.37 5.34
C PHE B 155 0.80 -21.94 3.94
N PHE B 156 1.39 -23.14 3.83
CA PHE B 156 1.66 -23.78 2.54
C PHE B 156 0.63 -24.85 2.21
N ILE B 157 -0.64 -24.61 2.56
CA ILE B 157 -1.68 -25.62 2.36
C ILE B 157 -1.91 -25.86 0.86
N ASP B 158 -1.92 -24.80 0.06
CA ASP B 158 -2.23 -24.89 -1.36
C ASP B 158 -1.04 -24.46 -2.21
N THR B 159 0.16 -24.90 -1.84
CA THR B 159 1.38 -24.58 -2.58
C THR B 159 1.96 -25.85 -3.16
N SER B 160 2.20 -25.84 -4.48
CA SER B 160 2.74 -27.00 -5.16
C SER B 160 4.20 -27.22 -4.76
N ILE B 161 4.67 -28.46 -4.96
CA ILE B 161 6.02 -28.86 -4.60
C ILE B 161 6.66 -29.57 -5.78
N ILE B 162 7.88 -29.20 -6.11
CA ILE B 162 8.70 -29.93 -7.07
C ILE B 162 9.80 -30.64 -6.30
N LEU B 163 9.94 -31.95 -6.54
CA LEU B 163 10.86 -32.78 -5.79
C LEU B 163 11.94 -33.32 -6.71
N PHE B 164 13.19 -33.10 -6.34
CA PHE B 164 14.35 -33.56 -7.10
C PHE B 164 15.08 -34.64 -6.32
N LEU B 165 15.42 -35.73 -7.01
CA LEU B 165 16.19 -36.83 -6.42
C LEU B 165 17.56 -36.85 -7.10
N ASN B 166 18.57 -36.37 -6.39
CA ASN B 166 19.89 -36.15 -6.96
C ASN B 166 20.79 -37.38 -6.81
N LYS B 167 21.86 -37.39 -7.60
CA LYS B 167 22.94 -38.39 -7.50
C LYS B 167 22.40 -39.81 -7.67
N LYS B 168 21.85 -40.07 -8.86
CA LYS B 168 21.30 -41.40 -9.14
C LYS B 168 22.39 -42.41 -9.46
N ASP B 169 23.45 -42.00 -10.14
CA ASP B 169 24.47 -42.95 -10.58
C ASP B 169 25.24 -43.53 -9.39
N LEU B 170 25.70 -42.68 -8.48
CA LEU B 170 26.40 -43.18 -7.31
C LEU B 170 25.47 -43.96 -6.39
N PHE B 171 24.18 -43.59 -6.36
CA PHE B 171 23.22 -44.39 -5.61
C PHE B 171 23.10 -45.79 -6.18
N GLY B 172 23.04 -45.91 -7.51
CA GLY B 172 23.01 -47.22 -8.13
C GLY B 172 24.27 -48.02 -7.86
N GLU B 173 25.43 -47.35 -7.92
CA GLU B 173 26.68 -48.04 -7.61
C GLU B 173 26.70 -48.54 -6.17
N LYS B 174 26.23 -47.70 -5.24
CA LYS B 174 26.21 -48.09 -3.83
C LYS B 174 25.26 -49.26 -3.59
N ILE B 175 24.06 -49.22 -4.18
CA ILE B 175 23.13 -50.32 -3.96
C ILE B 175 23.62 -51.59 -4.64
N LYS B 176 24.38 -51.47 -5.73
CA LYS B 176 25.04 -52.64 -6.28
C LYS B 176 26.08 -53.19 -5.32
N LYS B 177 26.83 -52.28 -4.67
CA LYS B 177 27.86 -52.72 -3.73
C LYS B 177 27.24 -53.30 -2.46
N SER B 178 26.25 -52.60 -1.89
CA SER B 178 25.67 -52.99 -0.62
C SER B 178 24.14 -52.96 -0.69
N PRO B 179 23.47 -53.82 0.06
CA PRO B 179 22.00 -53.83 0.04
C PRO B 179 21.41 -52.57 0.68
N LEU B 180 20.20 -52.24 0.24
CA LEU B 180 19.48 -51.07 0.74
C LEU B 180 18.65 -51.38 1.98
N THR B 181 18.53 -52.65 2.36
CA THR B 181 17.69 -53.03 3.51
C THR B 181 18.20 -52.41 4.81
N ILE B 182 19.47 -51.99 4.86
CA ILE B 182 20.02 -51.41 6.07
C ILE B 182 19.25 -50.14 6.47
N CYS B 183 18.98 -49.28 5.49
CA CYS B 183 18.28 -48.03 5.81
C CYS B 183 16.81 -48.29 6.13
N PHE B 184 16.16 -49.19 5.41
CA PHE B 184 14.75 -49.51 5.61
C PHE B 184 14.62 -50.94 6.09
N PRO B 185 14.43 -51.17 7.40
CA PRO B 185 14.34 -52.55 7.90
C PRO B 185 13.18 -53.35 7.32
N GLU B 186 12.06 -52.69 7.02
CA GLU B 186 10.87 -53.39 6.58
C GLU B 186 10.78 -53.57 5.07
N TYR B 187 11.81 -53.15 4.33
CA TYR B 187 11.82 -53.37 2.89
C TYR B 187 12.06 -54.85 2.60
N THR B 188 11.22 -55.43 1.74
CA THR B 188 11.30 -56.85 1.41
C THR B 188 11.26 -57.10 -0.09
N GLY B 189 11.52 -56.07 -0.90
CA GLY B 189 11.52 -56.23 -2.34
C GLY B 189 12.88 -56.59 -2.89
N PRO B 190 13.00 -56.62 -4.22
CA PRO B 190 14.29 -56.93 -4.84
C PRO B 190 15.30 -55.80 -4.62
N ASN B 191 16.53 -56.06 -5.03
CA ASN B 191 17.62 -55.12 -4.90
C ASN B 191 17.89 -54.36 -6.20
N THR B 192 17.00 -54.46 -7.18
CA THR B 192 17.18 -53.75 -8.44
C THR B 192 17.07 -52.24 -8.22
N TYR B 193 17.74 -51.49 -9.11
CA TYR B 193 17.77 -50.04 -8.98
C TYR B 193 16.37 -49.44 -9.14
N GLU B 194 15.62 -49.88 -10.15
CA GLU B 194 14.32 -49.30 -10.42
C GLU B 194 13.36 -49.53 -9.26
N ASP B 195 13.34 -50.74 -8.71
CA ASP B 195 12.43 -51.04 -7.61
C ASP B 195 12.75 -50.19 -6.38
N ALA B 196 14.04 -50.07 -6.04
CA ALA B 196 14.43 -49.27 -4.89
C ALA B 196 14.10 -47.80 -5.09
N ALA B 197 14.36 -47.29 -6.29
CA ALA B 197 14.06 -45.88 -6.57
C ALA B 197 12.57 -45.61 -6.48
N ALA B 198 11.74 -46.50 -7.05
CA ALA B 198 10.30 -46.33 -6.95
C ALA B 198 9.83 -46.42 -5.52
N TYR B 199 10.39 -47.35 -4.75
CA TYR B 199 10.00 -47.51 -3.35
C TYR B 199 10.33 -46.26 -2.54
N ILE B 200 11.52 -45.70 -2.73
CA ILE B 200 11.90 -44.52 -1.94
C ILE B 200 11.11 -43.30 -2.38
N GLN B 201 10.80 -43.19 -3.68
CA GLN B 201 9.94 -42.11 -4.13
C GLN B 201 8.55 -42.21 -3.53
N ALA B 202 8.00 -43.43 -3.47
CA ALA B 202 6.70 -43.63 -2.83
C ALA B 202 6.77 -43.30 -1.35
N GLN B 203 7.88 -43.65 -0.69
CA GLN B 203 8.04 -43.33 0.73
C GLN B 203 8.04 -41.82 0.95
N PHE B 204 8.73 -41.07 0.09
CA PHE B 204 8.72 -39.62 0.21
C PHE B 204 7.33 -39.05 -0.07
N GLU B 205 6.64 -39.56 -1.10
CA GLU B 205 5.34 -39.00 -1.46
C GLU B 205 4.23 -39.40 -0.50
N SER B 206 4.43 -40.45 0.29
CA SER B 206 3.38 -40.90 1.21
C SER B 206 3.10 -39.91 2.32
N LYS B 207 4.04 -39.00 2.61
CA LYS B 207 3.82 -38.03 3.68
C LYS B 207 2.78 -36.98 3.32
N ASN B 208 2.42 -36.85 2.05
CA ASN B 208 1.39 -35.90 1.65
C ASN B 208 0.02 -36.35 2.16
N ARG B 209 -0.77 -35.40 2.61
CA ARG B 209 -2.11 -35.66 3.14
C ARG B 209 -3.20 -34.90 2.41
N SER B 210 -2.96 -33.64 2.06
CA SER B 210 -3.97 -32.85 1.38
C SER B 210 -4.14 -33.35 -0.06
N PRO B 211 -5.35 -33.68 -0.49
CA PRO B 211 -5.54 -34.23 -1.84
C PRO B 211 -5.59 -33.18 -2.94
N ASN B 212 -5.74 -31.89 -2.60
CA ASN B 212 -5.86 -30.87 -3.63
C ASN B 212 -4.53 -30.55 -4.31
N LYS B 213 -3.43 -30.55 -3.56
CA LYS B 213 -2.14 -30.21 -4.12
C LYS B 213 -1.51 -31.41 -4.82
N GLU B 214 -0.53 -31.14 -5.67
CA GLU B 214 0.17 -32.16 -6.43
C GLU B 214 1.66 -32.00 -6.24
N ILE B 215 2.37 -33.13 -6.29
CA ILE B 215 3.82 -33.17 -6.11
C ILE B 215 4.46 -33.68 -7.38
N TYR B 216 5.38 -32.91 -7.94
CA TYR B 216 6.08 -33.27 -9.17
C TYR B 216 7.45 -33.82 -8.77
N CYS B 217 7.67 -35.10 -8.99
CA CYS B 217 8.93 -35.76 -8.67
C CYS B 217 9.68 -36.08 -9.95
N HIS B 218 10.99 -35.84 -9.94
CA HIS B 218 11.82 -36.01 -11.12
C HIS B 218 13.18 -36.56 -10.70
N MET B 219 13.75 -37.41 -11.55
CA MET B 219 15.09 -37.95 -11.35
C MET B 219 16.07 -37.11 -12.13
N THR B 220 16.98 -36.44 -11.42
CA THR B 220 17.87 -35.44 -12.02
C THR B 220 19.28 -35.97 -12.23
N CYS B 221 19.40 -37.23 -12.67
CA CYS B 221 20.70 -37.77 -13.03
C CYS B 221 21.34 -36.94 -14.15
N ALA B 222 22.61 -37.22 -14.41
CA ALA B 222 23.43 -36.41 -15.31
C ALA B 222 22.73 -36.14 -16.64
N THR B 223 22.41 -34.86 -16.88
CA THR B 223 21.72 -34.43 -18.09
C THR B 223 22.27 -33.07 -18.52
N ASP B 224 22.01 -32.74 -19.79
CA ASP B 224 22.50 -31.48 -20.36
C ASP B 224 21.52 -30.36 -20.01
N THR B 225 21.46 -30.04 -18.70
CA THR B 225 20.63 -28.97 -18.18
C THR B 225 19.16 -29.12 -18.58
N ASN B 226 18.66 -30.35 -18.50
CA ASN B 226 17.28 -30.63 -18.85
C ASN B 226 16.32 -30.40 -17.71
N ASN B 227 16.81 -30.11 -16.50
CA ASN B 227 15.93 -29.95 -15.35
C ASN B 227 15.24 -28.61 -15.31
N ALA B 228 15.60 -27.67 -16.18
CA ALA B 228 14.87 -26.40 -16.24
C ALA B 228 13.49 -26.58 -16.87
N GLN B 229 13.36 -27.53 -17.80
CA GLN B 229 12.07 -27.77 -18.44
C GLN B 229 11.02 -28.26 -17.45
N VAL B 230 11.43 -29.05 -16.45
CA VAL B 230 10.49 -29.54 -15.45
C VAL B 230 9.89 -28.37 -14.68
N ILE B 231 10.74 -27.46 -14.21
CA ILE B 231 10.28 -26.29 -13.49
C ILE B 231 9.42 -25.41 -14.39
N PHE B 232 9.82 -25.26 -15.66
CA PHE B 232 9.04 -24.46 -16.59
C PHE B 232 7.63 -25.02 -16.77
N ASP B 233 7.52 -26.32 -16.98
CA ASP B 233 6.21 -26.94 -17.18
C ASP B 233 5.36 -26.84 -15.91
N ALA B 234 5.96 -27.09 -14.74
CA ALA B 234 5.21 -26.98 -13.50
C ALA B 234 4.70 -25.56 -13.29
N VAL B 235 5.54 -24.56 -13.56
CA VAL B 235 5.13 -23.18 -13.38
C VAL B 235 4.04 -22.80 -14.36
N THR B 236 4.14 -23.28 -15.61
CA THR B 236 3.10 -23.01 -16.59
C THR B 236 1.76 -23.59 -16.15
N ASP B 237 1.77 -24.84 -15.66
CA ASP B 237 0.54 -25.44 -15.17
C ASP B 237 -0.03 -24.68 -13.99
N ILE B 238 0.83 -24.26 -13.06
CA ILE B 238 0.37 -23.53 -11.88
C ILE B 238 -0.25 -22.20 -12.27
N ILE B 239 0.39 -21.45 -13.18
CA ILE B 239 -0.15 -20.15 -13.55
C ILE B 239 -1.44 -20.30 -14.36
N ILE B 240 -1.54 -21.36 -15.16
CA ILE B 240 -2.79 -21.61 -15.87
C ILE B 240 -3.92 -21.89 -14.89
N ALA B 241 -3.65 -22.72 -13.88
CA ALA B 241 -4.67 -23.01 -12.87
C ALA B 241 -5.06 -21.76 -12.11
N ASN B 242 -4.07 -20.93 -11.75
CA ASN B 242 -4.37 -19.69 -11.02
C ASN B 242 -5.21 -18.74 -11.85
N ASN B 243 -4.87 -18.58 -13.14
CA ASN B 243 -5.67 -17.73 -14.01
C ASN B 243 -7.09 -18.25 -14.15
N LEU B 244 -7.25 -19.57 -14.30
CA LEU B 244 -8.58 -20.14 -14.43
C LEU B 244 -9.39 -19.95 -13.15
N ARG B 245 -8.74 -20.07 -11.99
CA ARG B 245 -9.44 -19.85 -10.73
C ARG B 245 -9.83 -18.39 -10.55
N GLY B 246 -8.97 -17.47 -10.99
CA GLY B 246 -9.26 -16.06 -10.79
C GLY B 246 -10.51 -15.58 -11.50
N CYS B 247 -10.78 -16.15 -12.69
CA CYS B 247 -11.96 -15.78 -13.45
C CYS B 247 -13.26 -16.27 -12.83
N GLY B 248 -13.19 -17.17 -11.86
CA GLY B 248 -14.38 -17.70 -11.22
C GLY B 248 -14.81 -19.06 -11.69
N LEU B 249 -14.02 -19.75 -12.52
CA LEU B 249 -14.42 -21.06 -13.02
C LEU B 249 -14.19 -22.17 -12.02
N TYR B 250 -13.56 -21.89 -10.87
CA TYR B 250 -13.51 -22.83 -9.77
C TYR B 250 -14.62 -22.56 -8.77
N GLU C 13 32.01 -30.26 42.28
CA GLU C 13 31.69 -30.92 41.03
C GLU C 13 30.40 -30.36 40.42
N LEU C 14 29.92 -31.00 39.36
CA LEU C 14 28.69 -30.55 38.71
C LEU C 14 27.49 -30.71 39.62
N ASP C 15 27.43 -31.78 40.41
CA ASP C 15 26.30 -31.99 41.30
C ASP C 15 26.22 -30.88 42.35
N GLN C 16 27.37 -30.47 42.90
CA GLN C 16 27.37 -29.43 43.92
C GLN C 16 26.85 -28.11 43.37
N LEU C 17 27.31 -27.73 42.17
CA LEU C 17 26.86 -26.46 41.59
C LEU C 17 25.39 -26.53 41.17
N ARG C 18 24.94 -27.70 40.70
CA ARG C 18 23.52 -27.84 40.37
C ARG C 18 22.66 -27.71 41.63
N GLN C 19 23.09 -28.33 42.73
CA GLN C 19 22.36 -28.20 43.99
C GLN C 19 22.37 -26.75 44.47
N GLU C 20 23.50 -26.07 44.34
CA GLU C 20 23.56 -24.67 44.74
C GLU C 20 22.62 -23.81 43.92
N ALA C 21 22.57 -24.03 42.60
CA ALA C 21 21.65 -23.27 41.75
C ALA C 21 20.20 -23.54 42.12
N GLU C 22 19.86 -24.81 42.37
CA GLU C 22 18.49 -25.14 42.76
C GLU C 22 18.14 -24.49 44.10
N GLN C 23 19.07 -24.51 45.06
CA GLN C 23 18.81 -23.89 46.35
C GLN C 23 18.63 -22.38 46.22
N LEU C 24 19.45 -21.74 45.38
CA LEU C 24 19.30 -20.30 45.17
C LEU C 24 17.97 -19.96 44.53
N LYS C 25 17.55 -20.76 43.54
CA LYS C 25 16.25 -20.53 42.91
C LYS C 25 15.12 -20.71 43.91
N ASN C 26 15.19 -21.75 44.74
CA ASN C 26 14.17 -21.94 45.76
C ASN C 26 14.16 -20.78 46.76
N GLN C 27 15.34 -20.29 47.13
CA GLN C 27 15.41 -19.18 48.07
C GLN C 27 14.79 -17.91 47.49
N ILE C 28 15.09 -17.60 46.24
CA ILE C 28 14.50 -16.39 45.64
C ILE C 28 13.00 -16.56 45.47
N ARG C 29 12.54 -17.78 45.14
CA ARG C 29 11.10 -18.01 45.05
C ARG C 29 10.42 -17.81 46.41
N ASP C 30 11.05 -18.31 47.48
CA ASP C 30 10.49 -18.14 48.81
C ASP C 30 10.45 -16.67 49.21
N ALA C 31 11.52 -15.93 48.89
CA ALA C 31 11.54 -14.50 49.19
C ALA C 31 10.45 -13.76 48.43
N ARG C 32 10.27 -14.10 47.15
CA ARG C 32 9.20 -13.47 46.37
C ARG C 32 7.83 -13.79 46.93
N LYS C 33 7.62 -15.04 47.36
CA LYS C 33 6.34 -15.42 47.95
C LYS C 33 6.09 -14.68 49.26
N ALA C 34 7.15 -14.52 50.07
CA ALA C 34 6.99 -13.84 51.35
C ALA C 34 6.75 -12.34 51.17
N CYS C 35 7.35 -11.72 50.15
CA CYS C 35 7.23 -10.29 49.97
C CYS C 35 5.83 -9.85 49.52
N ALA C 36 4.97 -10.79 49.14
CA ALA C 36 3.62 -10.46 48.69
C ALA C 36 2.65 -10.50 49.86
N ASP C 37 1.85 -9.43 49.98
CA ASP C 37 0.86 -9.32 51.05
C ASP C 37 -0.57 -9.41 50.54
N ALA C 38 -0.92 -8.61 49.53
CA ALA C 38 -2.26 -8.62 48.96
C ALA C 38 -2.16 -8.52 47.45
N THR C 39 -3.28 -8.73 46.79
CA THR C 39 -3.37 -8.62 45.33
C THR C 39 -3.98 -7.29 44.94
N LEU C 40 -3.59 -6.80 43.76
CA LEU C 40 -4.10 -5.52 43.29
C LEU C 40 -5.60 -5.56 43.04
N SER C 41 -6.15 -6.73 42.73
CA SER C 41 -7.57 -6.84 42.42
C SER C 41 -8.44 -6.46 43.62
N GLN C 42 -8.03 -6.85 44.83
CA GLN C 42 -8.79 -6.53 46.03
C GLN C 42 -8.41 -5.19 46.63
N ILE C 43 -7.48 -4.46 46.03
CA ILE C 43 -7.14 -3.11 46.47
C ILE C 43 -7.83 -2.12 45.53
N THR C 44 -8.04 -2.52 44.29
CA THR C 44 -8.65 -1.68 43.27
C THR C 44 -10.17 -1.81 43.22
N ASN C 45 -10.77 -2.62 44.09
CA ASN C 45 -12.20 -2.87 44.03
C ASN C 45 -13.04 -1.68 44.44
N ASN C 46 -12.44 -0.62 44.99
CA ASN C 46 -13.17 0.52 45.50
C ASN C 46 -13.23 1.69 44.51
N ILE C 47 -12.82 1.48 43.27
CA ILE C 47 -12.84 2.54 42.27
C ILE C 47 -13.90 2.22 41.22
N ASP C 48 -14.41 3.27 40.58
CA ASP C 48 -15.45 3.14 39.58
C ASP C 48 -14.86 2.73 38.23
N PRO C 49 -15.65 2.01 37.41
CA PRO C 49 -15.16 1.63 36.08
C PRO C 49 -15.10 2.81 35.12
N VAL C 50 -14.58 2.58 33.92
CA VAL C 50 -14.43 3.65 32.94
C VAL C 50 -15.60 3.74 31.96
N GLY C 51 -16.40 2.69 31.82
CA GLY C 51 -17.51 2.72 30.89
C GLY C 51 -17.22 2.02 29.58
N ARG C 52 -17.64 2.62 28.47
CA ARG C 52 -17.46 2.06 27.15
C ARG C 52 -16.75 3.08 26.25
N ILE C 53 -15.82 2.58 25.45
CA ILE C 53 -15.05 3.41 24.52
C ILE C 53 -15.55 3.13 23.11
N GLN C 54 -15.82 4.19 22.36
CA GLN C 54 -16.44 4.10 21.03
C GLN C 54 -15.60 4.86 20.01
N MET C 55 -14.29 4.61 20.01
CA MET C 55 -13.40 5.25 19.04
C MET C 55 -13.75 4.81 17.62
N ARG C 56 -13.57 5.72 16.67
CA ARG C 56 -13.92 5.48 15.28
C ARG C 56 -12.79 5.95 14.37
N THR C 57 -12.73 5.35 13.19
CA THR C 57 -11.67 5.68 12.23
C THR C 57 -11.84 7.09 11.69
N ARG C 58 -10.71 7.75 11.46
CA ARG C 58 -10.69 9.11 10.91
C ARG C 58 -9.94 9.20 9.60
N ARG C 59 -8.86 8.43 9.42
CA ARG C 59 -8.09 8.44 8.19
C ARG C 59 -7.78 7.01 7.77
N THR C 60 -7.55 6.84 6.47
CA THR C 60 -7.10 5.57 5.92
C THR C 60 -5.98 5.88 4.94
N LEU C 61 -4.79 5.36 5.20
CA LEU C 61 -3.60 5.64 4.39
C LEU C 61 -3.39 4.46 3.45
N ARG C 62 -3.64 4.68 2.15
CA ARG C 62 -3.56 3.63 1.14
C ARG C 62 -2.46 3.97 0.14
N GLY C 63 -1.22 3.62 0.50
CA GLY C 63 -0.12 3.71 -0.44
C GLY C 63 0.65 2.41 -0.58
N HIS C 64 0.62 1.58 0.47
CA HIS C 64 1.31 0.32 0.47
C HIS C 64 0.48 -0.75 -0.24
N LEU C 65 1.15 -1.84 -0.63
CA LEU C 65 0.46 -2.90 -1.35
C LEU C 65 0.87 -4.30 -0.95
N ALA C 66 1.68 -4.49 0.10
CA ALA C 66 2.06 -5.83 0.51
C ALA C 66 2.46 -5.82 2.00
N LYS C 67 1.53 -6.22 2.86
CA LYS C 67 1.83 -6.75 4.19
C LYS C 67 2.76 -5.84 4.99
N ILE C 68 2.24 -4.65 5.33
CA ILE C 68 2.98 -3.74 6.19
C ILE C 68 3.40 -4.44 7.47
N TYR C 69 4.65 -4.23 7.88
CA TYR C 69 5.26 -4.97 8.98
C TYR C 69 5.59 -4.15 10.20
N ALA C 70 5.76 -2.83 10.07
CA ALA C 70 6.15 -2.01 11.21
C ALA C 70 5.74 -0.56 10.96
N MET C 71 5.75 0.22 12.04
CA MET C 71 5.50 1.65 11.97
C MET C 71 6.09 2.32 13.20
N HIS C 72 6.26 3.63 13.14
CA HIS C 72 6.72 4.41 14.28
C HIS C 72 6.24 5.84 14.14
N TRP C 73 5.79 6.42 15.24
CA TRP C 73 5.34 7.81 15.26
C TRP C 73 6.53 8.76 15.38
N GLY C 74 6.29 10.02 15.00
CA GLY C 74 7.24 11.08 15.22
C GLY C 74 6.95 11.84 16.52
N THR C 75 7.96 12.56 16.98
CA THR C 75 7.81 13.29 18.24
C THR C 75 6.86 14.47 18.09
N ASP C 76 6.81 15.06 16.88
CA ASP C 76 5.87 16.14 16.61
C ASP C 76 4.43 15.66 16.52
N SER C 77 4.20 14.34 16.52
CA SER C 77 2.86 13.75 16.49
C SER C 77 2.13 14.07 15.19
N ARG C 78 2.89 14.24 14.11
CA ARG C 78 2.30 14.46 12.80
C ARG C 78 2.88 13.57 11.70
N LEU C 79 4.11 13.11 11.81
CA LEU C 79 4.75 12.32 10.76
C LEU C 79 4.88 10.86 11.22
N LEU C 80 4.75 9.95 10.26
CA LEU C 80 4.74 8.52 10.50
C LEU C 80 5.79 7.84 9.65
N VAL C 81 5.99 6.54 9.88
CA VAL C 81 6.83 5.68 9.05
C VAL C 81 6.09 4.36 8.89
N SER C 82 6.33 3.67 7.78
CA SER C 82 5.80 2.34 7.57
C SER C 82 6.71 1.56 6.64
N ALA C 83 6.78 0.24 6.85
CA ALA C 83 7.59 -0.65 6.05
C ALA C 83 6.73 -1.80 5.52
N SER C 84 6.97 -2.17 4.27
CA SER C 84 6.21 -3.23 3.62
C SER C 84 7.16 -4.25 3.02
N GLN C 85 6.62 -5.43 2.72
CA GLN C 85 7.37 -6.48 2.06
C GLN C 85 7.68 -6.16 0.61
N ASP C 86 7.08 -5.11 0.05
CA ASP C 86 7.34 -4.72 -1.34
C ASP C 86 8.70 -4.08 -1.52
N GLY C 87 9.32 -3.58 -0.45
CA GLY C 87 10.61 -2.95 -0.52
C GLY C 87 10.60 -1.43 -0.53
N LYS C 88 9.69 -0.80 0.21
CA LYS C 88 9.59 0.65 0.24
C LYS C 88 9.49 1.13 1.69
N LEU C 89 9.91 2.36 1.91
CA LEU C 89 9.85 3.01 3.22
C LEU C 89 9.36 4.44 2.96
N ILE C 90 8.07 4.67 3.19
CA ILE C 90 7.43 5.96 2.92
C ILE C 90 6.95 6.56 4.23
N ILE C 91 7.16 7.86 4.39
CA ILE C 91 6.76 8.58 5.59
C ILE C 91 5.59 9.50 5.24
N TRP C 92 4.53 9.41 6.02
CA TRP C 92 3.26 10.06 5.73
C TRP C 92 3.12 11.38 6.47
N ASP C 93 2.15 12.17 6.02
CA ASP C 93 1.67 13.35 6.75
C ASP C 93 0.29 12.99 7.30
N SER C 94 0.20 12.84 8.62
CA SER C 94 -1.01 12.29 9.22
C SER C 94 -2.22 13.19 9.02
N TYR C 95 -2.04 14.51 9.15
CA TYR C 95 -3.19 15.42 9.14
C TYR C 95 -3.85 15.49 7.77
N THR C 96 -3.06 15.63 6.71
CA THR C 96 -3.59 15.87 5.38
C THR C 96 -3.44 14.68 4.43
N THR C 97 -2.88 13.57 4.90
CA THR C 97 -2.75 12.34 4.11
C THR C 97 -1.93 12.58 2.84
N ASN C 98 -0.69 13.02 3.03
CA ASN C 98 0.24 13.25 1.94
C ASN C 98 1.51 12.42 2.15
N LYS C 99 2.15 12.06 1.03
CA LYS C 99 3.47 11.46 1.04
C LYS C 99 4.51 12.56 0.93
N VAL C 100 5.51 12.52 1.80
CA VAL C 100 6.59 13.49 1.76
C VAL C 100 7.93 12.87 1.36
N HIS C 101 8.08 11.55 1.47
CA HIS C 101 9.30 10.89 1.04
C HIS C 101 8.98 9.46 0.66
N ALA C 102 9.89 8.85 -0.12
CA ALA C 102 9.75 7.45 -0.53
C ALA C 102 11.18 6.92 -0.75
N ILE C 103 11.69 6.20 0.24
CA ILE C 103 13.05 5.69 0.21
C ILE C 103 13.02 4.27 -0.35
N PRO C 104 13.78 3.98 -1.42
CA PRO C 104 13.81 2.61 -1.95
C PRO C 104 14.85 1.75 -1.24
N LEU C 105 14.47 0.54 -0.83
CA LEU C 105 15.33 -0.33 -0.06
C LEU C 105 16.11 -1.27 -0.99
N ARG C 106 17.12 -1.93 -0.43
CA ARG C 106 17.94 -2.88 -1.17
C ARG C 106 17.40 -4.30 -1.09
N SER C 107 16.94 -4.72 0.08
CA SER C 107 16.32 -6.02 0.27
C SER C 107 14.88 -5.83 0.73
N SER C 108 13.97 -6.64 0.20
CA SER C 108 12.55 -6.49 0.51
C SER C 108 12.14 -7.26 1.76
N TRP C 109 13.06 -7.95 2.43
CA TRP C 109 12.74 -8.67 3.66
C TRP C 109 13.10 -7.79 4.84
N VAL C 110 12.18 -6.87 5.18
CA VAL C 110 12.39 -5.93 6.28
C VAL C 110 11.36 -6.21 7.37
N MET C 111 11.74 -5.92 8.61
CA MET C 111 10.90 -6.23 9.76
C MET C 111 10.77 -5.11 10.78
N THR C 112 11.60 -4.06 10.73
CA THR C 112 11.64 -3.06 11.81
C THR C 112 11.71 -1.66 11.24
N CYS C 113 11.34 -0.68 12.08
CA CYS C 113 11.42 0.72 11.75
C CYS C 113 11.72 1.50 13.02
N ALA C 114 12.26 2.71 12.85
CA ALA C 114 12.53 3.60 13.96
C ALA C 114 12.67 5.02 13.44
N TYR C 115 12.19 5.99 14.22
CA TYR C 115 12.30 7.40 13.92
C TYR C 115 13.19 8.07 14.96
N ALA C 116 14.16 8.84 14.50
CA ALA C 116 15.03 9.55 15.42
C ALA C 116 14.24 10.55 16.25
N PRO C 117 14.58 10.71 17.54
CA PRO C 117 13.86 11.69 18.35
C PRO C 117 13.99 13.12 17.87
N SER C 118 15.04 13.44 17.11
CA SER C 118 15.23 14.77 16.56
C SER C 118 14.64 14.94 15.16
N GLY C 119 14.17 13.86 14.54
CA GLY C 119 13.60 13.94 13.21
C GLY C 119 14.60 14.03 12.08
N ASN C 120 15.84 13.61 12.29
CA ASN C 120 16.88 13.70 11.28
C ASN C 120 17.23 12.37 10.62
N TYR C 121 17.00 11.24 11.29
CA TYR C 121 17.44 9.95 10.79
C TYR C 121 16.30 8.94 10.87
N VAL C 122 16.41 7.90 10.04
CA VAL C 122 15.48 6.77 10.01
C VAL C 122 16.30 5.50 9.84
N ALA C 123 15.92 4.45 10.56
CA ALA C 123 16.63 3.17 10.52
C ALA C 123 15.70 2.05 10.07
N CYS C 124 16.30 0.95 9.61
CA CYS C 124 15.56 -0.19 9.13
C CYS C 124 16.43 -1.44 9.22
N GLY C 125 15.78 -2.60 9.18
CA GLY C 125 16.51 -3.86 9.24
C GLY C 125 15.59 -5.02 8.89
N GLY C 126 16.19 -6.20 8.78
CA GLY C 126 15.43 -7.38 8.41
C GLY C 126 16.23 -8.67 8.34
N LEU C 127 15.96 -9.48 7.31
CA LEU C 127 16.59 -10.78 7.15
C LEU C 127 18.00 -10.72 6.58
N ASP C 128 18.55 -9.53 6.39
CA ASP C 128 19.91 -9.39 5.88
C ASP C 128 20.95 -9.25 6.98
N ASN C 129 20.54 -9.32 8.25
CA ASN C 129 21.44 -9.18 9.40
C ASN C 129 22.21 -7.86 9.38
N ILE C 130 21.59 -6.81 8.84
CA ILE C 130 22.23 -5.51 8.72
C ILE C 130 21.22 -4.43 9.08
N CYS C 131 21.66 -3.44 9.85
CA CYS C 131 20.86 -2.26 10.16
C CYS C 131 21.44 -1.07 9.41
N SER C 132 20.59 -0.35 8.69
CA SER C 132 21.01 0.76 7.85
C SER C 132 20.31 2.04 8.27
N ILE C 133 21.00 3.17 8.10
CA ILE C 133 20.55 4.47 8.59
C ILE C 133 20.50 5.44 7.42
N TYR C 134 19.42 6.22 7.36
CA TYR C 134 19.16 7.13 6.25
C TYR C 134 19.13 8.58 6.74
N ASN C 135 19.65 9.48 5.91
CA ASN C 135 19.74 10.90 6.24
C ASN C 135 18.65 11.66 5.50
N LEU C 136 17.78 12.35 6.25
CA LEU C 136 16.65 13.06 5.68
C LEU C 136 16.91 14.54 5.44
N LYS C 137 18.10 15.04 5.77
CA LYS C 137 18.40 16.47 5.72
C LYS C 137 19.63 16.73 4.87
N THR C 138 19.69 16.11 3.70
CA THR C 138 20.81 16.32 2.80
C THR C 138 20.68 17.66 2.08
N ARG C 139 21.83 18.20 1.67
CA ARG C 139 21.85 19.44 0.90
C ARG C 139 21.57 19.24 -0.58
N GLU C 140 21.52 17.99 -1.04
CA GLU C 140 21.27 17.71 -2.45
C GLU C 140 19.79 17.57 -2.77
N GLY C 141 18.97 17.19 -1.79
CA GLY C 141 17.54 17.06 -1.99
C GLY C 141 17.01 15.64 -1.99
N ASN C 142 17.82 14.64 -1.66
CA ASN C 142 17.40 13.25 -1.66
C ASN C 142 17.93 12.56 -0.41
N VAL C 143 17.28 11.45 -0.05
CA VAL C 143 17.69 10.67 1.11
C VAL C 143 18.75 9.67 0.70
N ARG C 144 19.75 9.48 1.55
CA ARG C 144 20.88 8.62 1.27
C ARG C 144 21.22 7.77 2.49
N VAL C 145 21.82 6.60 2.24
CA VAL C 145 22.29 5.77 3.33
C VAL C 145 23.50 6.43 3.99
N SER C 146 23.55 6.35 5.31
CA SER C 146 24.64 6.94 6.08
C SER C 146 25.62 5.89 6.59
N ARG C 147 25.13 4.84 7.24
CA ARG C 147 25.98 3.79 7.79
C ARG C 147 25.37 2.43 7.50
N GLU C 148 26.23 1.41 7.50
CA GLU C 148 25.81 0.02 7.36
C GLU C 148 26.33 -0.73 8.57
N LEU C 149 25.47 -0.94 9.56
CA LEU C 149 25.86 -1.59 10.81
C LEU C 149 25.73 -3.11 10.65
N ALA C 150 26.87 -3.80 10.59
CA ALA C 150 26.90 -5.24 10.41
C ALA C 150 27.76 -5.88 11.49
N GLY C 151 27.47 -7.14 11.78
CA GLY C 151 28.18 -7.86 12.83
C GLY C 151 27.34 -8.84 13.60
N HIS C 152 26.03 -8.83 13.37
CA HIS C 152 25.14 -9.81 13.99
C HIS C 152 25.16 -11.11 13.20
N THR C 153 24.55 -12.14 13.78
CA THR C 153 24.45 -13.45 13.15
C THR C 153 23.06 -13.77 12.64
N GLY C 154 22.03 -13.59 13.48
CA GLY C 154 20.66 -13.82 13.08
C GLY C 154 19.97 -12.55 12.61
N TYR C 155 18.70 -12.71 12.27
CA TYR C 155 17.90 -11.61 11.77
C TYR C 155 17.67 -10.57 12.86
N LEU C 156 17.45 -9.33 12.43
CA LEU C 156 17.12 -8.24 13.35
C LEU C 156 15.62 -8.18 13.56
N SER C 157 15.20 -8.00 14.81
CA SER C 157 13.79 -7.98 15.16
C SER C 157 13.34 -6.73 15.89
N CYS C 158 14.25 -5.82 16.25
CA CYS C 158 13.85 -4.54 16.82
C CYS C 158 15.01 -3.57 16.75
N CYS C 159 14.69 -2.27 16.68
CA CYS C 159 15.67 -1.19 16.64
C CYS C 159 15.08 0.01 17.35
N ARG C 160 15.89 0.67 18.18
CA ARG C 160 15.45 1.85 18.91
C ARG C 160 16.59 2.86 19.04
N PHE C 161 16.28 4.12 18.77
CA PHE C 161 17.24 5.20 18.89
C PHE C 161 17.34 5.70 20.34
N LEU C 162 18.54 6.11 20.71
CA LEU C 162 18.78 6.80 21.98
C LEU C 162 19.07 8.28 21.80
N ASP C 163 19.93 8.63 20.85
CA ASP C 163 20.14 10.00 20.42
C ASP C 163 20.55 9.95 18.95
N ASP C 164 21.13 11.03 18.44
CA ASP C 164 21.58 11.07 17.06
C ASP C 164 22.88 10.27 16.84
N ASN C 165 23.42 9.64 17.87
CA ASN C 165 24.73 8.99 17.77
C ASN C 165 24.76 7.51 18.13
N GLN C 166 23.87 7.02 18.98
CA GLN C 166 23.90 5.63 19.42
C GLN C 166 22.53 4.99 19.32
N ILE C 167 22.51 3.69 19.08
CA ILE C 167 21.30 2.93 18.82
C ILE C 167 21.48 1.53 19.38
N VAL C 168 20.41 0.96 19.95
CA VAL C 168 20.43 -0.37 20.54
C VAL C 168 19.59 -1.30 19.68
N THR C 169 20.10 -2.51 19.44
CA THR C 169 19.49 -3.44 18.50
C THR C 169 19.36 -4.82 19.12
N SER C 170 18.28 -5.52 18.77
CA SER C 170 18.05 -6.90 19.18
C SER C 170 18.05 -7.81 17.96
N SER C 171 18.60 -9.00 18.12
CA SER C 171 18.75 -9.94 17.02
C SER C 171 18.20 -11.30 17.41
N GLY C 172 18.22 -12.22 16.45
CA GLY C 172 17.69 -13.56 16.66
C GLY C 172 18.74 -14.58 17.05
N ASP C 173 19.89 -14.10 17.55
CA ASP C 173 20.93 -14.97 18.06
C ASP C 173 21.11 -14.83 19.57
N THR C 174 20.05 -14.44 20.26
CA THR C 174 20.03 -14.31 21.73
C THR C 174 21.02 -13.27 22.23
N THR C 175 21.20 -12.18 21.49
CA THR C 175 22.10 -11.11 21.90
C THR C 175 21.50 -9.76 21.53
N CYS C 176 21.89 -8.75 22.30
CA CYS C 176 21.58 -7.35 22.01
C CYS C 176 22.86 -6.54 22.16
N ALA C 177 22.99 -5.50 21.35
CA ALA C 177 24.22 -4.71 21.31
C ALA C 177 23.90 -3.22 21.26
N LEU C 178 24.86 -2.43 21.74
CA LEU C 178 24.80 -0.98 21.67
C LEU C 178 25.85 -0.50 20.69
N TRP C 179 25.43 0.27 19.69
CA TRP C 179 26.30 0.66 18.59
C TRP C 179 26.74 2.11 18.72
N ASP C 180 27.74 2.47 17.93
CA ASP C 180 28.21 3.85 17.78
C ASP C 180 28.15 4.19 16.30
N ILE C 181 27.20 5.04 15.93
CA ILE C 181 26.92 5.29 14.52
C ILE C 181 28.11 5.97 13.85
N GLU C 182 28.80 6.85 14.57
CA GLU C 182 29.92 7.58 13.99
C GLU C 182 31.07 6.66 13.56
N THR C 183 31.21 5.49 14.17
CA THR C 183 32.27 4.57 13.83
C THR C 183 31.79 3.16 13.49
N GLY C 184 30.54 2.82 13.76
CA GLY C 184 29.99 1.52 13.39
C GLY C 184 30.60 0.33 14.11
N GLN C 185 30.81 0.43 15.41
CA GLN C 185 31.36 -0.66 16.21
C GLN C 185 30.52 -0.87 17.45
N GLN C 186 30.38 -2.13 17.86
CA GLN C 186 29.55 -2.50 19.00
C GLN C 186 30.27 -2.15 20.29
N THR C 187 29.81 -1.09 20.96
CA THR C 187 30.43 -0.68 22.22
C THR C 187 30.21 -1.72 23.30
N THR C 188 28.96 -2.15 23.49
CA THR C 188 28.61 -3.09 24.54
C THR C 188 27.64 -4.12 23.97
N THR C 189 27.88 -5.39 24.29
CA THR C 189 27.02 -6.48 23.86
C THR C 189 26.38 -7.13 25.09
N PHE C 190 25.11 -7.50 24.96
CA PHE C 190 24.32 -8.05 26.06
C PHE C 190 24.03 -9.52 25.78
N THR C 191 24.31 -10.38 26.77
CA THR C 191 24.13 -11.81 26.63
C THR C 191 23.41 -12.36 27.86
N GLY C 192 22.79 -13.51 27.68
CA GLY C 192 22.11 -14.17 28.79
C GLY C 192 20.83 -14.88 28.41
N HIS C 193 20.24 -14.50 27.28
CA HIS C 193 19.03 -15.19 26.81
C HIS C 193 19.40 -16.53 26.20
N THR C 194 18.44 -17.46 26.24
CA THR C 194 18.65 -18.81 25.72
C THR C 194 17.80 -19.10 24.48
N GLY C 195 17.01 -18.14 24.01
CA GLY C 195 16.24 -18.31 22.80
C GLY C 195 16.66 -17.32 21.73
N ASP C 196 15.73 -16.48 21.29
CA ASP C 196 16.04 -15.39 20.38
C ASP C 196 15.16 -14.19 20.71
N VAL C 197 15.77 -13.00 20.77
CA VAL C 197 15.06 -11.81 21.21
C VAL C 197 14.10 -11.35 20.12
N MET C 198 12.86 -11.07 20.51
CA MET C 198 11.82 -10.66 19.58
C MET C 198 11.24 -9.28 19.87
N SER C 199 11.68 -8.61 20.94
CA SER C 199 11.11 -7.32 21.30
C SER C 199 12.11 -6.53 22.12
N LEU C 200 11.81 -5.23 22.29
CA LEU C 200 12.70 -4.32 23.00
C LEU C 200 11.94 -3.02 23.27
N SER C 201 12.08 -2.50 24.49
CA SER C 201 11.46 -1.25 24.87
C SER C 201 12.43 -0.44 25.72
N LEU C 202 12.35 0.89 25.60
CA LEU C 202 13.26 1.80 26.29
C LEU C 202 12.51 2.61 27.34
N ALA C 203 13.15 2.80 28.49
CA ALA C 203 12.57 3.58 29.57
C ALA C 203 12.59 5.06 29.22
N PRO C 204 11.68 5.84 29.82
CA PRO C 204 11.69 7.29 29.57
C PRO C 204 12.99 7.97 29.95
N ASP C 205 13.67 7.50 30.99
CA ASP C 205 14.95 8.09 31.38
C ASP C 205 16.10 7.66 30.47
N THR C 206 15.87 6.66 29.61
CA THR C 206 16.89 6.16 28.68
C THR C 206 18.14 5.69 29.42
N ARG C 207 17.94 5.08 30.59
CA ARG C 207 19.04 4.52 31.37
C ARG C 207 18.93 3.02 31.57
N LEU C 208 17.76 2.43 31.31
CA LEU C 208 17.58 0.98 31.42
C LEU C 208 16.54 0.56 30.40
N PHE C 209 16.58 -0.73 30.04
CA PHE C 209 15.64 -1.24 29.06
C PHE C 209 15.44 -2.73 29.29
N VAL C 210 14.36 -3.27 28.72
CA VAL C 210 13.98 -4.65 28.89
C VAL C 210 13.77 -5.29 27.52
N SER C 211 13.84 -6.62 27.50
CA SER C 211 13.75 -7.39 26.26
C SER C 211 12.91 -8.64 26.50
N GLY C 212 12.35 -9.16 25.43
CA GLY C 212 11.55 -10.37 25.49
C GLY C 212 11.98 -11.38 24.46
N ALA C 213 12.18 -12.61 24.90
CA ALA C 213 12.72 -13.68 24.06
C ALA C 213 11.72 -14.82 23.95
N CYS C 214 12.09 -15.83 23.16
CA CYS C 214 11.23 -16.97 22.89
C CYS C 214 11.44 -18.10 23.88
N ASP C 215 12.14 -17.85 24.99
CA ASP C 215 12.25 -18.81 26.08
C ASP C 215 11.26 -18.54 27.19
N ALA C 216 10.28 -17.67 26.96
CA ALA C 216 9.25 -17.30 27.93
C ALA C 216 9.88 -16.64 29.16
N SER C 217 10.64 -15.58 28.92
CA SER C 217 11.28 -14.83 29.99
C SER C 217 11.59 -13.42 29.51
N ALA C 218 11.81 -12.54 30.47
CA ALA C 218 12.21 -11.17 30.21
C ALA C 218 13.18 -10.73 31.32
N LYS C 219 14.00 -9.73 31.01
CA LYS C 219 14.98 -9.28 31.98
C LYS C 219 15.36 -7.83 31.73
N LEU C 220 15.64 -7.12 32.81
CA LEU C 220 16.06 -5.72 32.75
C LEU C 220 17.57 -5.62 32.53
N TRP C 221 17.98 -4.59 31.82
CA TRP C 221 19.36 -4.41 31.40
C TRP C 221 19.79 -2.97 31.61
N ASP C 222 21.05 -2.79 31.95
CA ASP C 222 21.65 -1.47 32.15
C ASP C 222 22.54 -1.12 30.97
N VAL C 223 22.36 0.09 30.45
CA VAL C 223 23.11 0.50 29.26
C VAL C 223 24.53 0.92 29.63
N ARG C 224 24.72 1.54 30.79
CA ARG C 224 26.06 1.97 31.19
C ARG C 224 26.98 0.78 31.41
N GLU C 225 26.53 -0.20 32.20
CA GLU C 225 27.28 -1.43 32.43
C GLU C 225 26.44 -2.61 31.95
N GLY C 226 27.03 -3.43 31.09
CA GLY C 226 26.29 -4.51 30.45
C GLY C 226 25.97 -5.66 31.37
N MET C 227 25.10 -5.42 32.36
CA MET C 227 24.72 -6.42 33.33
C MET C 227 23.21 -6.50 33.45
N CYS C 228 22.72 -7.69 33.79
CA CYS C 228 21.30 -7.93 34.00
C CYS C 228 20.98 -7.86 35.50
N ARG C 229 19.93 -7.13 35.85
CA ARG C 229 19.61 -6.89 37.25
C ARG C 229 18.37 -7.59 37.75
N GLN C 230 17.48 -8.05 36.85
CA GLN C 230 16.28 -8.74 37.28
C GLN C 230 15.83 -9.68 36.18
N THR C 231 14.97 -10.63 36.53
CA THR C 231 14.42 -11.59 35.58
C THR C 231 13.00 -11.97 35.99
N PHE C 232 12.11 -12.06 35.02
CA PHE C 232 10.70 -12.37 35.23
C PHE C 232 10.32 -13.55 34.36
N THR C 233 9.67 -14.55 34.96
CA THR C 233 9.44 -15.83 34.30
C THR C 233 7.99 -16.29 34.50
N GLY C 234 7.04 -15.39 34.24
CA GLY C 234 5.65 -15.71 34.50
C GLY C 234 4.88 -16.37 33.37
N HIS C 235 5.30 -16.17 32.14
CA HIS C 235 4.55 -16.64 30.99
C HIS C 235 4.71 -18.15 30.80
N GLU C 236 4.08 -18.67 29.75
CA GLU C 236 4.15 -20.09 29.41
C GLU C 236 4.51 -20.34 27.96
N SER C 237 4.84 -19.29 27.20
CA SER C 237 5.18 -19.44 25.78
C SER C 237 6.01 -18.23 25.36
N ASP C 238 6.30 -18.14 24.06
CA ASP C 238 7.19 -17.11 23.56
C ASP C 238 6.60 -15.72 23.76
N ILE C 239 7.45 -14.78 24.22
CA ILE C 239 7.07 -13.39 24.38
C ILE C 239 7.13 -12.70 23.03
N ASN C 240 6.21 -11.77 22.79
CA ASN C 240 6.08 -11.16 21.48
C ASN C 240 5.93 -9.64 21.49
N ALA C 241 5.75 -9.01 22.65
CA ALA C 241 5.58 -7.56 22.72
C ALA C 241 5.92 -7.07 24.11
N ILE C 242 6.50 -5.87 24.18
CA ILE C 242 6.98 -5.28 25.43
C ILE C 242 6.75 -3.78 25.38
N CYS C 243 6.38 -3.19 26.52
CA CYS C 243 6.28 -1.73 26.65
C CYS C 243 6.25 -1.35 28.12
N PHE C 244 6.84 -0.19 28.44
CA PHE C 244 6.86 0.32 29.80
C PHE C 244 5.59 1.07 30.17
N PHE C 245 5.31 1.10 31.47
CA PHE C 245 4.35 2.03 32.03
C PHE C 245 4.87 3.46 31.88
N PRO C 246 3.99 4.45 31.80
CA PRO C 246 4.46 5.82 31.57
C PRO C 246 5.47 6.34 32.59
N ASN C 247 5.37 5.93 33.86
CA ASN C 247 6.30 6.41 34.87
C ASN C 247 7.59 5.60 34.94
N GLY C 248 7.67 4.48 34.23
CA GLY C 248 8.90 3.70 34.20
C GLY C 248 9.09 2.76 35.37
N ASN C 249 8.04 2.40 36.09
CA ASN C 249 8.13 1.46 37.19
C ASN C 249 7.41 0.14 36.92
N ALA C 250 6.89 -0.07 35.72
CA ALA C 250 6.20 -1.31 35.38
C ALA C 250 6.21 -1.48 33.87
N PHE C 251 5.94 -2.71 33.44
CA PHE C 251 5.87 -3.01 32.02
C PHE C 251 4.90 -4.17 31.80
N ALA C 252 4.43 -4.30 30.56
CA ALA C 252 3.46 -5.31 30.19
C ALA C 252 4.01 -6.17 29.05
N THR C 253 3.53 -7.41 28.99
CA THR C 253 4.02 -8.38 28.03
C THR C 253 2.86 -8.98 27.23
N GLY C 254 3.18 -9.47 26.05
CA GLY C 254 2.23 -10.22 25.25
C GLY C 254 2.90 -11.43 24.65
N SER C 255 2.16 -12.54 24.61
CA SER C 255 2.74 -13.81 24.22
C SER C 255 1.78 -14.57 23.34
N ASP C 256 2.31 -15.63 22.72
CA ASP C 256 1.49 -16.52 21.89
C ASP C 256 0.52 -17.35 22.70
N ASP C 257 0.65 -17.34 24.03
CA ASP C 257 -0.26 -18.03 24.93
C ASP C 257 -1.64 -17.37 25.01
N ALA C 258 -1.89 -16.33 24.23
CA ALA C 258 -3.15 -15.59 24.23
C ALA C 258 -3.43 -15.01 25.61
N THR C 259 -2.44 -14.33 26.17
CA THR C 259 -2.58 -13.71 27.49
C THR C 259 -1.58 -12.58 27.62
N CYS C 260 -1.87 -11.66 28.54
CA CYS C 260 -1.00 -10.54 28.85
C CYS C 260 -0.81 -10.46 30.36
N ARG C 261 0.37 -9.99 30.78
CA ARG C 261 0.69 -9.88 32.18
C ARG C 261 1.30 -8.51 32.47
N LEU C 262 1.06 -8.02 33.68
CA LEU C 262 1.63 -6.76 34.15
C LEU C 262 2.61 -7.07 35.27
N PHE C 263 3.86 -6.64 35.09
CA PHE C 263 4.94 -6.91 36.03
C PHE C 263 5.29 -5.63 36.79
N ASP C 264 6.28 -5.76 37.67
CA ASP C 264 6.77 -4.62 38.45
C ASP C 264 8.25 -4.83 38.73
N LEU C 265 8.96 -3.72 38.89
CA LEU C 265 10.40 -3.75 39.09
C LEU C 265 10.80 -3.72 40.56
N ARG C 266 10.16 -2.87 41.36
CA ARG C 266 10.54 -2.75 42.77
C ARG C 266 10.14 -3.99 43.56
N ALA C 267 8.95 -4.53 43.32
CA ALA C 267 8.52 -5.77 43.96
C ALA C 267 9.01 -7.00 43.22
N ASP C 268 9.23 -6.89 41.91
CA ASP C 268 9.78 -7.97 41.09
C ASP C 268 8.87 -9.20 41.10
N GLN C 269 7.63 -9.01 40.67
CA GLN C 269 6.69 -10.12 40.52
C GLN C 269 5.52 -9.67 39.67
N GLU C 270 4.73 -10.65 39.22
CA GLU C 270 3.56 -10.40 38.40
C GLU C 270 2.43 -9.80 39.23
N LEU C 271 1.64 -8.94 38.59
CA LEU C 271 0.55 -8.24 39.25
C LEU C 271 -0.82 -8.64 38.73
N MET C 272 -1.06 -8.54 37.42
CA MET C 272 -2.37 -8.87 36.85
C MET C 272 -2.19 -9.73 35.60
N THR C 273 -3.29 -10.36 35.19
CA THR C 273 -3.36 -11.09 33.94
C THR C 273 -4.62 -10.67 33.19
N TYR C 274 -4.52 -10.60 31.86
CA TYR C 274 -5.63 -10.15 31.01
C TYR C 274 -5.95 -11.28 30.04
N SER C 275 -7.05 -11.99 30.28
CA SER C 275 -7.40 -13.13 29.45
C SER C 275 -8.90 -13.35 29.47
N HIS C 276 -9.38 -14.07 28.46
CA HIS C 276 -10.76 -14.51 28.36
C HIS C 276 -10.80 -15.88 27.70
N ASP C 277 -11.89 -16.60 27.94
CA ASP C 277 -12.03 -17.97 27.45
C ASP C 277 -12.45 -18.05 25.98
N ASN C 278 -12.91 -16.95 25.40
CA ASN C 278 -13.40 -16.96 24.03
C ASN C 278 -12.38 -16.43 23.02
N ILE C 279 -11.14 -16.22 23.43
CA ILE C 279 -10.07 -15.81 22.53
C ILE C 279 -8.93 -16.79 22.68
N ILE C 280 -8.45 -17.33 21.55
CA ILE C 280 -7.44 -18.38 21.57
C ILE C 280 -6.30 -18.07 20.61
N CYS C 281 -6.25 -16.84 20.12
CA CYS C 281 -5.21 -16.42 19.18
C CYS C 281 -4.13 -15.60 19.89
N GLY C 282 -2.95 -15.58 19.29
CA GLY C 282 -1.80 -14.94 19.89
C GLY C 282 -1.85 -13.43 19.82
N ILE C 283 -0.87 -12.82 20.47
CA ILE C 283 -0.77 -11.36 20.59
C ILE C 283 0.35 -10.89 19.69
N THR C 284 0.10 -9.80 18.96
CA THR C 284 1.10 -9.24 18.06
C THR C 284 1.63 -7.88 18.48
N SER C 285 0.95 -7.18 19.38
CA SER C 285 1.37 -5.84 19.77
C SER C 285 0.81 -5.52 21.16
N VAL C 286 1.37 -4.49 21.77
CA VAL C 286 0.92 -4.00 23.08
C VAL C 286 1.38 -2.56 23.24
N SER C 287 0.53 -1.75 23.85
CA SER C 287 0.86 -0.35 24.11
C SER C 287 -0.11 0.22 25.14
N PHE C 288 0.37 1.22 25.87
CA PHE C 288 -0.43 1.91 26.87
C PHE C 288 -1.02 3.19 26.29
N SER C 289 -1.64 4.01 27.14
CA SER C 289 -2.15 5.31 26.76
C SER C 289 -1.32 6.39 27.45
N LYS C 290 -1.75 7.65 27.29
CA LYS C 290 -0.99 8.77 27.85
C LYS C 290 -0.92 8.69 29.37
N SER C 291 -2.04 8.36 30.02
CA SER C 291 -2.11 8.32 31.48
C SER C 291 -1.86 6.94 32.07
N GLY C 292 -1.79 5.90 31.23
CA GLY C 292 -1.56 4.55 31.71
C GLY C 292 -2.79 3.82 32.19
N ARG C 293 -3.98 4.44 32.13
CA ARG C 293 -5.19 3.78 32.57
C ARG C 293 -5.70 2.76 31.55
N LEU C 294 -5.41 2.95 30.27
CA LEU C 294 -5.97 2.15 29.20
C LEU C 294 -4.84 1.40 28.49
N LEU C 295 -5.03 0.09 28.29
CA LEU C 295 -4.04 -0.76 27.66
C LEU C 295 -4.62 -1.31 26.36
N LEU C 296 -3.86 -1.21 25.28
CA LEU C 296 -4.29 -1.64 23.96
C LEU C 296 -3.48 -2.85 23.51
N ALA C 297 -4.16 -3.82 22.91
CA ALA C 297 -3.52 -5.03 22.43
C ALA C 297 -4.04 -5.34 21.04
N GLY C 298 -3.20 -5.96 20.22
CA GLY C 298 -3.56 -6.33 18.87
C GLY C 298 -3.48 -7.82 18.63
N TYR C 299 -4.60 -8.44 18.29
CA TYR C 299 -4.67 -9.89 18.20
C TYR C 299 -4.51 -10.34 16.75
N ASP C 300 -4.52 -11.66 16.55
CA ASP C 300 -4.47 -12.25 15.21
C ASP C 300 -5.85 -12.45 14.61
N ASP C 301 -6.92 -12.21 15.37
CA ASP C 301 -8.28 -12.38 14.87
C ASP C 301 -8.83 -11.08 14.29
N PHE C 302 -8.04 -10.46 13.41
CA PHE C 302 -8.42 -9.32 12.59
C PHE C 302 -8.85 -8.10 13.39
N ASN C 303 -8.66 -8.06 14.71
CA ASN C 303 -9.14 -6.93 15.49
C ASN C 303 -8.25 -6.75 16.72
N CYS C 304 -8.52 -5.67 17.46
CA CYS C 304 -7.79 -5.27 18.66
C CYS C 304 -8.71 -5.35 19.87
N ASN C 305 -8.16 -4.94 21.02
CA ASN C 305 -8.91 -4.94 22.27
C ASN C 305 -8.37 -3.86 23.18
N VAL C 306 -9.25 -3.31 24.02
CA VAL C 306 -8.88 -2.31 25.01
C VAL C 306 -9.35 -2.79 26.37
N TRP C 307 -8.48 -2.69 27.37
CA TRP C 307 -8.78 -3.18 28.71
C TRP C 307 -8.27 -2.20 29.75
N ASP C 308 -8.88 -2.24 30.92
CA ASP C 308 -8.44 -1.40 32.03
C ASP C 308 -7.19 -1.99 32.65
N ALA C 309 -6.14 -1.18 32.79
CA ALA C 309 -4.91 -1.64 33.40
C ALA C 309 -5.04 -1.88 34.89
N LEU C 310 -6.12 -1.43 35.51
CA LEU C 310 -6.30 -1.57 36.95
C LEU C 310 -7.44 -2.51 37.33
N LYS C 311 -8.20 -3.02 36.37
CA LYS C 311 -9.31 -3.91 36.70
C LYS C 311 -9.39 -5.17 35.85
N ALA C 312 -8.68 -5.25 34.73
CA ALA C 312 -8.63 -6.45 33.89
C ALA C 312 -10.01 -6.84 33.37
N ASP C 313 -10.66 -5.90 32.67
CA ASP C 313 -11.93 -6.15 32.03
C ASP C 313 -11.99 -5.35 30.72
N ARG C 314 -12.58 -5.95 29.69
CA ARG C 314 -12.62 -5.34 28.38
C ARG C 314 -13.47 -4.07 28.41
N ALA C 315 -13.14 -3.14 27.50
CA ALA C 315 -13.87 -1.88 27.43
C ALA C 315 -14.18 -1.46 25.99
N GLY C 316 -14.00 -2.33 25.02
CA GLY C 316 -14.33 -2.00 23.64
C GLY C 316 -13.50 -2.83 22.68
N VAL C 317 -13.74 -2.59 21.40
CA VAL C 317 -13.02 -3.25 20.32
C VAL C 317 -12.66 -2.22 19.26
N LEU C 318 -11.74 -2.60 18.38
CA LEU C 318 -11.28 -1.76 17.27
C LEU C 318 -11.32 -2.54 15.97
N ALA C 319 -12.45 -3.20 15.71
CA ALA C 319 -12.61 -4.00 14.51
C ALA C 319 -12.64 -3.11 13.27
N GLY C 320 -12.30 -3.70 12.12
CA GLY C 320 -12.28 -2.97 10.88
C GLY C 320 -11.11 -3.30 9.97
N HIS C 321 -10.29 -4.26 10.38
CA HIS C 321 -9.18 -4.75 9.56
C HIS C 321 -9.51 -6.13 9.01
N ASP C 322 -8.94 -6.44 7.86
CA ASP C 322 -9.29 -7.66 7.13
C ASP C 322 -8.20 -8.73 7.19
N ASN C 323 -7.19 -8.57 8.03
CA ASN C 323 -6.14 -9.57 8.17
C ASN C 323 -5.48 -9.37 9.53
N ARG C 324 -4.34 -10.02 9.74
CA ARG C 324 -3.60 -9.89 10.99
C ARG C 324 -3.24 -8.43 11.26
N VAL C 325 -3.46 -7.99 12.48
CA VAL C 325 -3.00 -6.68 12.92
C VAL C 325 -1.61 -6.85 13.50
N SER C 326 -0.60 -6.28 12.84
CA SER C 326 0.80 -6.55 13.17
C SER C 326 1.49 -5.44 13.94
N CYS C 327 1.06 -4.18 13.80
CA CYS C 327 1.73 -3.07 14.42
C CYS C 327 0.71 -2.10 15.02
N LEU C 328 1.16 -1.35 16.03
CA LEU C 328 0.29 -0.48 16.80
C LEU C 328 1.14 0.57 17.52
N GLY C 329 0.58 1.76 17.67
CA GLY C 329 1.30 2.84 18.34
C GLY C 329 0.42 4.00 18.75
N VAL C 330 0.84 4.76 19.77
CA VAL C 330 0.11 5.89 20.30
C VAL C 330 1.01 7.11 20.30
N THR C 331 0.46 8.26 19.91
CA THR C 331 1.25 9.47 19.79
C THR C 331 1.73 9.96 21.15
N ASP C 332 2.71 10.86 21.12
CA ASP C 332 3.31 11.34 22.37
C ASP C 332 2.34 12.17 23.18
N ASP C 333 1.50 12.97 22.52
CA ASP C 333 0.49 13.74 23.24
C ASP C 333 -0.76 12.93 23.55
N GLY C 334 -0.81 11.68 23.12
CA GLY C 334 -1.95 10.82 23.41
C GLY C 334 -3.26 11.28 22.79
N MET C 335 -3.23 11.66 21.51
CA MET C 335 -4.42 12.13 20.83
C MET C 335 -4.97 11.15 19.80
N ALA C 336 -4.18 10.18 19.35
CA ALA C 336 -4.63 9.24 18.34
C ALA C 336 -3.84 7.95 18.44
N VAL C 337 -4.37 6.91 17.81
CA VAL C 337 -3.73 5.60 17.76
C VAL C 337 -3.76 5.12 16.31
N ALA C 338 -2.67 4.49 15.87
CA ALA C 338 -2.53 4.02 14.51
C ALA C 338 -2.30 2.51 14.51
N THR C 339 -2.83 1.83 13.49
CA THR C 339 -2.71 0.39 13.36
C THR C 339 -2.36 0.03 11.93
N GLY C 340 -1.66 -1.10 11.77
CA GLY C 340 -1.36 -1.63 10.47
C GLY C 340 -1.79 -3.09 10.40
N SER C 341 -1.81 -3.62 9.17
CA SER C 341 -2.29 -4.98 8.97
C SER C 341 -1.65 -5.55 7.72
N TRP C 342 -1.77 -6.87 7.56
CA TRP C 342 -1.31 -7.55 6.37
C TRP C 342 -2.16 -7.24 5.15
N ASP C 343 -3.30 -6.58 5.33
CA ASP C 343 -4.13 -6.12 4.22
C ASP C 343 -3.56 -4.87 3.54
N SER C 344 -2.42 -4.38 4.00
CA SER C 344 -1.75 -3.20 3.43
C SER C 344 -2.62 -1.95 3.57
N PHE C 345 -2.99 -1.66 4.81
CA PHE C 345 -3.78 -0.47 5.10
C PHE C 345 -3.41 0.05 6.48
N LEU C 346 -3.39 1.37 6.60
CA LEU C 346 -3.12 2.07 7.85
C LEU C 346 -4.33 2.89 8.23
N LYS C 347 -4.76 2.76 9.50
CA LYS C 347 -5.94 3.43 9.99
C LYS C 347 -5.58 4.28 11.21
N ILE C 348 -6.12 5.49 11.26
CA ILE C 348 -5.95 6.40 12.38
C ILE C 348 -7.28 6.48 13.11
N TRP C 349 -7.25 6.22 14.42
CA TRP C 349 -8.44 6.22 15.25
C TRP C 349 -8.35 7.35 16.26
N ASN C 350 -9.50 7.72 16.82
CA ASN C 350 -9.56 8.81 17.78
C ASN C 350 -10.82 8.71 18.64
N ALA D 7 35.70 -27.84 29.16
CA ALA D 7 35.65 -26.67 30.03
C ALA D 7 34.21 -26.16 30.16
N SER D 8 33.31 -27.04 30.59
CA SER D 8 31.91 -26.70 30.76
C SER D 8 31.57 -26.21 32.16
N ILE D 9 32.56 -26.11 33.06
CA ILE D 9 32.29 -25.63 34.40
C ILE D 9 32.29 -24.11 34.50
N ALA D 10 32.93 -23.42 33.55
CA ALA D 10 32.99 -21.96 33.60
C ALA D 10 31.59 -21.36 33.42
N GLN D 11 30.80 -21.90 32.49
CA GLN D 11 29.45 -21.38 32.29
C GLN D 11 28.58 -21.65 33.50
N ALA D 12 28.74 -22.81 34.13
CA ALA D 12 27.99 -23.11 35.34
C ALA D 12 28.36 -22.16 36.48
N ARG D 13 29.65 -21.88 36.63
CA ARG D 13 30.08 -20.92 37.66
C ARG D 13 29.52 -19.53 37.37
N LYS D 14 29.52 -19.11 36.09
CA LYS D 14 28.94 -17.82 35.75
C LYS D 14 27.45 -17.78 36.04
N LEU D 15 26.74 -18.88 35.75
CA LEU D 15 25.32 -18.94 36.07
C LEU D 15 25.07 -18.85 37.56
N VAL D 16 25.88 -19.54 38.36
CA VAL D 16 25.73 -19.47 39.82
C VAL D 16 25.97 -18.06 40.32
N GLU D 17 27.04 -17.41 39.82
CA GLU D 17 27.33 -16.05 40.24
C GLU D 17 26.21 -15.09 39.85
N GLN D 18 25.67 -15.24 38.64
CA GLN D 18 24.57 -14.38 38.20
C GLN D 18 23.33 -14.60 39.05
N LEU D 19 23.03 -15.86 39.38
CA LEU D 19 21.87 -16.14 40.24
C LEU D 19 22.05 -15.52 41.61
N LYS D 20 23.26 -15.61 42.18
CA LYS D 20 23.51 -14.98 43.47
C LYS D 20 23.36 -13.47 43.40
N MET D 21 23.88 -12.86 42.33
CA MET D 21 23.78 -11.41 42.18
C MET D 21 22.32 -10.98 42.06
N GLU D 22 21.51 -11.74 41.31
CA GLU D 22 20.08 -11.43 41.23
C GLU D 22 19.40 -11.63 42.57
N ALA D 23 19.83 -12.64 43.34
CA ALA D 23 19.26 -12.89 44.65
C ALA D 23 19.57 -11.77 45.64
N ASN D 24 20.72 -11.11 45.49
CA ASN D 24 21.13 -10.10 46.45
C ASN D 24 20.30 -8.82 46.39
N ILE D 25 19.40 -8.69 45.40
CA ILE D 25 18.63 -7.47 45.23
C ILE D 25 17.61 -7.31 46.35
N ASP D 26 17.02 -6.12 46.46
CA ASP D 26 16.05 -5.81 47.50
C ASP D 26 14.62 -5.92 46.96
N ARG D 27 13.66 -5.92 47.88
CA ARG D 27 12.26 -6.02 47.54
C ARG D 27 11.43 -5.13 48.47
N ILE D 28 10.25 -4.73 48.01
CA ILE D 28 9.30 -3.96 48.78
C ILE D 28 7.94 -4.65 48.71
N LYS D 29 6.96 -4.06 49.40
CA LYS D 29 5.63 -4.63 49.45
C LYS D 29 4.90 -4.44 48.12
N VAL D 30 3.81 -5.18 47.96
CA VAL D 30 3.01 -5.10 46.73
C VAL D 30 1.91 -4.05 46.85
N SER D 31 1.32 -3.92 48.04
CA SER D 31 0.27 -2.93 48.24
C SER D 31 0.79 -1.52 48.00
N LYS D 32 2.04 -1.26 48.38
CA LYS D 32 2.64 0.05 48.11
C LYS D 32 2.75 0.31 46.62
N ALA D 33 3.17 -0.69 45.85
CA ALA D 33 3.28 -0.54 44.40
C ALA D 33 1.92 -0.30 43.78
N ALA D 34 0.90 -1.04 44.21
CA ALA D 34 -0.45 -0.84 43.69
C ALA D 34 -0.96 0.57 44.02
N ALA D 35 -0.72 1.02 45.24
CA ALA D 35 -1.14 2.36 45.63
C ALA D 35 -0.44 3.42 44.81
N ASP D 36 0.85 3.25 44.55
CA ASP D 36 1.58 4.20 43.71
C ASP D 36 1.03 4.23 42.30
N LEU D 37 0.75 3.06 41.73
CA LEU D 37 0.21 3.01 40.37
C LEU D 37 -1.14 3.71 40.28
N MET D 38 -2.05 3.39 41.20
CA MET D 38 -3.37 4.02 41.15
C MET D 38 -3.30 5.51 41.46
N ALA D 39 -2.38 5.92 42.33
CA ALA D 39 -2.21 7.34 42.62
C ALA D 39 -1.73 8.10 41.38
N TYR D 40 -0.77 7.51 40.64
CA TYR D 40 -0.33 8.14 39.40
C TYR D 40 -1.46 8.22 38.39
N CYS D 41 -2.24 7.14 38.25
CA CYS D 41 -3.32 7.13 37.28
C CYS D 41 -4.39 8.16 37.63
N GLU D 42 -4.65 8.36 38.93
CA GLU D 42 -5.64 9.35 39.34
C GLU D 42 -5.10 10.77 39.19
N ALA D 43 -3.81 10.98 39.52
CA ALA D 43 -3.23 12.31 39.43
C ALA D 43 -3.18 12.80 37.99
N HIS D 44 -2.82 11.92 37.05
CA HIS D 44 -2.80 12.28 35.64
C HIS D 44 -4.04 11.67 34.99
N ALA D 45 -5.16 12.40 35.08
CA ALA D 45 -6.43 11.91 34.54
C ALA D 45 -7.06 12.95 33.62
N LYS D 46 -6.76 14.22 33.84
CA LYS D 46 -7.33 15.30 33.04
C LYS D 46 -6.56 15.53 31.74
N GLU D 47 -5.48 14.80 31.49
CA GLU D 47 -4.69 14.93 30.27
C GLU D 47 -4.74 13.69 29.41
N ASP D 48 -5.82 12.91 29.48
CA ASP D 48 -5.97 11.70 28.68
C ASP D 48 -7.13 11.88 27.70
N PRO D 49 -6.87 12.24 26.45
CA PRO D 49 -7.97 12.51 25.51
C PRO D 49 -8.67 11.27 24.98
N LEU D 50 -8.20 10.07 25.30
CA LEU D 50 -8.88 8.86 24.87
C LEU D 50 -9.81 8.28 25.93
N LEU D 51 -9.57 8.58 27.21
CA LEU D 51 -10.47 8.11 28.25
C LEU D 51 -11.82 8.81 28.21
N THR D 52 -11.88 10.02 27.66
CA THR D 52 -13.11 10.78 27.52
C THR D 52 -13.21 11.36 26.12
N PRO D 53 -14.43 11.48 25.58
CA PRO D 53 -14.59 12.09 24.25
C PRO D 53 -14.14 13.54 24.25
N VAL D 54 -13.63 13.97 23.10
CA VAL D 54 -13.10 15.33 22.93
C VAL D 54 -14.10 16.17 22.15
N PRO D 55 -14.13 17.49 22.34
CA PRO D 55 -15.01 18.32 21.52
C PRO D 55 -14.54 18.37 20.08
N ALA D 56 -15.48 18.65 19.18
CA ALA D 56 -15.19 18.71 17.76
C ALA D 56 -14.32 19.90 17.38
N SER D 57 -14.13 20.86 18.28
CA SER D 57 -13.32 22.04 17.98
C SER D 57 -11.84 21.79 18.23
N GLU D 58 -11.49 21.22 19.38
CA GLU D 58 -10.09 20.94 19.70
C GLU D 58 -9.55 19.70 18.99
N ASN D 59 -10.40 18.94 18.32
CA ASN D 59 -9.95 17.75 17.61
C ASN D 59 -9.05 18.15 16.45
N PRO D 60 -7.85 17.57 16.33
CA PRO D 60 -6.97 17.95 15.22
C PRO D 60 -7.28 17.19 13.95
N PHE D 61 -7.88 16.01 14.08
CA PHE D 61 -8.23 15.17 12.94
C PHE D 61 -9.66 15.40 12.45
N ARG D 62 -10.37 16.36 13.02
CA ARG D 62 -11.74 16.68 12.63
C ARG D 62 -12.66 15.48 12.74
N ASP E 1 29.20 20.86 -3.35
CA ASP E 1 29.45 22.09 -4.07
C ASP E 1 28.30 22.44 -5.02
N VAL E 2 27.22 22.96 -4.45
CA VAL E 2 26.06 23.36 -5.24
C VAL E 2 26.43 24.56 -6.09
N GLN E 3 26.10 24.51 -7.37
CA GLN E 3 26.46 25.56 -8.32
C GLN E 3 25.26 25.90 -9.20
N LEU E 4 25.03 27.21 -9.36
CA LEU E 4 24.07 27.73 -10.33
C LEU E 4 24.80 28.78 -11.17
N VAL E 5 24.94 28.51 -12.47
CA VAL E 5 25.69 29.38 -13.36
C VAL E 5 24.80 29.82 -14.51
N GLU E 6 24.75 31.11 -14.76
CA GLU E 6 23.95 31.69 -15.83
C GLU E 6 24.86 32.43 -16.81
N SER E 7 24.47 32.42 -18.09
CA SER E 7 25.23 33.12 -19.12
C SER E 7 24.30 33.44 -20.28
N GLY E 8 24.73 34.40 -21.11
CA GLY E 8 23.98 34.77 -22.29
C GLY E 8 23.58 36.23 -22.35
N GLY E 9 24.34 37.09 -21.66
CA GLY E 9 24.07 38.50 -21.66
C GLY E 9 24.73 39.22 -22.83
N GLY E 10 24.55 40.53 -22.86
CA GLY E 10 25.15 41.36 -23.89
C GLY E 10 24.30 42.58 -24.16
N LEU E 11 24.60 43.25 -25.27
CA LEU E 11 23.88 44.44 -25.69
C LEU E 11 22.90 44.07 -26.79
N VAL E 12 21.63 44.41 -26.60
CA VAL E 12 20.56 44.11 -27.55
C VAL E 12 19.85 45.40 -27.90
N GLN E 13 19.69 45.65 -29.21
CA GLN E 13 18.93 46.80 -29.66
C GLN E 13 17.45 46.59 -29.36
N PRO E 14 16.69 47.66 -29.18
CA PRO E 14 15.26 47.52 -28.91
C PRO E 14 14.54 46.79 -30.03
N GLY E 15 13.57 45.95 -29.65
CA GLY E 15 12.82 45.16 -30.58
C GLY E 15 13.40 43.80 -30.91
N GLY E 16 14.60 43.50 -30.42
CA GLY E 16 15.26 42.23 -30.70
C GLY E 16 14.83 41.13 -29.75
N SER E 17 15.55 40.02 -29.83
CA SER E 17 15.30 38.86 -28.99
C SER E 17 16.60 38.32 -28.44
N ARG E 18 16.53 37.70 -27.27
CA ARG E 18 17.70 37.14 -26.61
C ARG E 18 17.25 36.03 -25.68
N LYS E 19 18.14 35.05 -25.46
CA LYS E 19 17.86 33.90 -24.62
C LYS E 19 18.93 33.78 -23.53
N LEU E 20 18.50 33.42 -22.34
CA LEU E 20 19.39 33.23 -21.19
C LEU E 20 19.25 31.81 -20.67
N SER E 21 20.38 31.19 -20.34
CA SER E 21 20.41 29.81 -19.89
C SER E 21 21.07 29.73 -18.51
N CYS E 22 20.50 28.88 -17.65
CA CYS E 22 20.95 28.72 -16.27
C CYS E 22 21.26 27.24 -16.03
N SER E 23 22.52 26.86 -16.17
CA SER E 23 22.93 25.48 -15.93
C SER E 23 23.09 25.21 -14.44
N ALA E 24 22.82 23.98 -14.04
CA ALA E 24 22.83 23.59 -12.64
C ALA E 24 23.63 22.31 -12.46
N SER E 25 24.28 22.19 -11.30
CA SER E 25 25.05 20.99 -10.98
C SER E 25 25.21 20.91 -9.47
N GLY E 26 25.52 19.70 -9.00
CA GLY E 26 25.78 19.46 -7.60
C GLY E 26 24.60 19.03 -6.77
N PHE E 27 23.39 19.03 -7.33
CA PHE E 27 22.20 18.64 -6.59
C PHE E 27 21.23 17.94 -7.54
N ALA E 28 20.10 17.50 -7.01
CA ALA E 28 19.08 16.80 -7.78
C ALA E 28 18.17 17.83 -8.45
N PHE E 29 18.46 18.14 -9.71
CA PHE E 29 17.72 19.16 -10.44
C PHE E 29 16.28 18.77 -10.72
N SER E 30 15.95 17.48 -10.70
CA SER E 30 14.64 17.01 -11.11
C SER E 30 13.57 17.17 -10.02
N SER E 31 13.95 17.52 -8.80
CA SER E 31 13.00 17.63 -7.70
C SER E 31 12.76 19.05 -7.23
N PHE E 32 13.37 20.04 -7.87
CA PHE E 32 13.32 21.43 -7.41
C PHE E 32 12.62 22.31 -8.42
N GLY E 33 11.96 23.35 -7.91
CA GLY E 33 11.42 24.40 -8.76
C GLY E 33 12.51 25.38 -9.16
N MET E 34 12.09 26.43 -9.85
CA MET E 34 13.04 27.44 -10.31
C MET E 34 12.31 28.72 -10.64
N HIS E 35 12.69 29.82 -10.00
CA HIS E 35 12.15 31.13 -10.30
C HIS E 35 13.18 31.93 -11.09
N TRP E 36 12.86 33.19 -11.36
CA TRP E 36 13.78 34.12 -11.99
C TRP E 36 13.52 35.50 -11.41
N VAL E 37 14.53 36.08 -10.77
CA VAL E 37 14.41 37.35 -10.08
C VAL E 37 15.38 38.34 -10.71
N ARG E 38 14.91 39.57 -10.94
CA ARG E 38 15.72 40.60 -11.56
C ARG E 38 15.65 41.87 -10.73
N GLN E 39 16.72 42.66 -10.80
CA GLN E 39 16.78 43.94 -10.11
C GLN E 39 17.40 44.98 -11.03
N ALA E 40 16.86 46.20 -10.98
CA ALA E 40 17.41 47.30 -11.74
C ALA E 40 18.77 47.70 -11.17
N PRO E 41 19.59 48.41 -11.95
CA PRO E 41 20.91 48.81 -11.43
C PRO E 41 20.86 49.63 -10.16
N GLU E 42 19.81 50.40 -9.93
CA GLU E 42 19.67 51.23 -8.74
C GLU E 42 18.28 51.10 -8.15
N LYS E 43 17.78 49.87 -8.02
CA LYS E 43 16.47 49.64 -7.45
C LYS E 43 16.47 48.28 -6.74
N GLY E 44 15.30 47.86 -6.28
CA GLY E 44 15.15 46.62 -5.56
C GLY E 44 14.90 45.44 -6.46
N LEU E 45 14.50 44.33 -5.84
CA LEU E 45 14.29 43.07 -6.55
C LEU E 45 12.89 43.01 -7.15
N GLU E 46 12.76 42.26 -8.23
CA GLU E 46 11.50 42.07 -8.91
C GLU E 46 11.39 40.64 -9.41
N TRP E 47 10.18 40.09 -9.34
CA TRP E 47 9.91 38.71 -9.74
C TRP E 47 9.53 38.66 -11.22
N VAL E 48 9.88 37.55 -11.86
CA VAL E 48 9.66 37.43 -13.30
C VAL E 48 8.79 36.22 -13.64
N ALA E 49 9.26 35.01 -13.33
CA ALA E 49 8.56 33.81 -13.76
C ALA E 49 8.75 32.70 -12.72
N TYR E 50 8.20 31.53 -13.03
CA TYR E 50 8.29 30.37 -12.13
C TYR E 50 7.97 29.12 -12.92
N ILE E 51 8.87 28.15 -12.91
CA ILE E 51 8.67 26.84 -13.53
C ILE E 51 8.75 25.79 -12.45
N SER E 52 7.73 24.92 -12.39
CA SER E 52 7.61 23.94 -11.33
C SER E 52 8.52 22.73 -11.58
N SER E 53 8.33 21.68 -10.79
CA SER E 53 9.09 20.45 -10.93
C SER E 53 8.25 19.42 -11.69
N GLY E 54 8.81 18.87 -12.76
CA GLY E 54 8.00 18.10 -13.69
C GLY E 54 6.94 19.01 -14.26
N SER E 55 7.37 19.97 -15.07
CA SER E 55 6.61 21.19 -15.36
C SER E 55 5.16 20.90 -15.73
N GLY E 56 4.25 21.36 -14.86
CA GLY E 56 2.82 21.28 -15.12
C GLY E 56 2.13 22.55 -14.68
N THR E 57 2.90 23.45 -14.07
CA THR E 57 2.39 24.72 -13.55
C THR E 57 3.38 25.82 -13.90
N ILE E 58 2.86 26.92 -14.45
CA ILE E 58 3.69 28.05 -14.88
C ILE E 58 3.04 29.33 -14.38
N TYR E 59 3.85 30.36 -14.19
CA TYR E 59 3.36 31.65 -13.73
C TYR E 59 4.22 32.75 -14.31
N TYR E 60 3.63 33.94 -14.43
CA TYR E 60 4.32 35.10 -14.99
C TYR E 60 3.90 36.36 -14.26
N ALA E 61 4.75 37.37 -14.34
CA ALA E 61 4.43 38.68 -13.80
C ALA E 61 3.51 39.43 -14.76
N ASP E 62 2.93 40.53 -14.26
CA ASP E 62 2.01 41.30 -15.07
C ASP E 62 2.72 42.04 -16.20
N THR E 63 3.95 42.48 -15.97
CA THR E 63 4.69 43.27 -16.95
C THR E 63 5.56 42.42 -17.87
N VAL E 64 5.47 41.09 -17.77
CA VAL E 64 6.27 40.20 -18.60
C VAL E 64 5.44 39.14 -19.31
N LYS E 65 4.12 39.15 -19.14
CA LYS E 65 3.28 38.15 -19.79
C LYS E 65 3.14 38.46 -21.28
N GLY E 66 3.34 37.44 -22.11
CA GLY E 66 3.19 37.56 -23.54
C GLY E 66 4.50 37.74 -24.30
N ARG E 67 5.56 38.17 -23.62
CA ARG E 67 6.84 38.38 -24.28
C ARG E 67 7.94 37.43 -23.82
N PHE E 68 7.74 36.71 -22.71
CA PHE E 68 8.76 35.84 -22.15
C PHE E 68 8.15 34.48 -21.85
N THR E 69 9.00 33.44 -21.94
CA THR E 69 8.60 32.08 -21.63
C THR E 69 9.72 31.38 -20.86
N ILE E 70 9.35 30.40 -20.05
CA ILE E 70 10.28 29.66 -19.21
C ILE E 70 10.19 28.18 -19.58
N SER E 71 11.34 27.55 -19.77
CA SER E 71 11.41 26.13 -20.11
C SER E 71 12.57 25.49 -19.38
N ARG E 72 12.50 24.17 -19.24
CA ARG E 72 13.53 23.41 -18.55
C ARG E 72 13.87 22.15 -19.35
N ASP E 73 15.10 21.68 -19.19
CA ASP E 73 15.58 20.45 -19.84
C ASP E 73 16.23 19.59 -18.77
N ASP E 74 15.47 18.67 -18.20
CA ASP E 74 15.97 17.87 -17.08
C ASP E 74 17.18 17.01 -17.42
N PRO E 75 17.21 16.25 -18.53
CA PRO E 75 18.40 15.45 -18.81
C PRO E 75 19.68 16.26 -18.98
N LYS E 76 19.58 17.48 -19.52
CA LYS E 76 20.76 18.31 -19.72
C LYS E 76 21.08 19.18 -18.51
N ASN E 77 20.21 19.20 -17.50
CA ASN E 77 20.42 19.98 -16.28
C ASN E 77 20.66 21.46 -16.60
N THR E 78 19.67 22.07 -17.27
CA THR E 78 19.77 23.47 -17.62
C THR E 78 18.35 24.05 -17.72
N LEU E 79 18.26 25.36 -17.45
CA LEU E 79 17.01 26.09 -17.51
C LEU E 79 17.10 27.19 -18.55
N PHE E 80 15.97 27.51 -19.17
CA PHE E 80 15.92 28.44 -20.29
C PHE E 80 14.91 29.54 -20.01
N LEU E 81 15.12 30.68 -20.66
CA LEU E 81 14.18 31.80 -20.61
C LEU E 81 14.31 32.57 -21.92
N GLN E 82 13.28 32.54 -22.75
CA GLN E 82 13.28 33.21 -24.04
C GLN E 82 12.52 34.52 -23.92
N MET E 83 13.18 35.62 -24.24
CA MET E 83 12.60 36.96 -24.18
C MET E 83 12.55 37.56 -25.57
N THR E 84 11.39 38.10 -25.94
CA THR E 84 11.18 38.69 -27.25
C THR E 84 10.63 40.10 -27.12
N SER E 85 10.95 40.94 -28.10
CA SER E 85 10.47 42.32 -28.18
C SER E 85 10.90 43.12 -26.93
N LEU E 86 12.21 43.15 -26.71
CA LEU E 86 12.74 43.84 -25.55
C LEU E 86 12.53 45.35 -25.68
N ARG E 87 12.13 45.97 -24.57
CA ARG E 87 11.93 47.40 -24.48
C ARG E 87 13.14 48.04 -23.81
N SER E 88 13.03 49.34 -23.53
CA SER E 88 14.12 50.09 -22.92
C SER E 88 14.13 50.01 -21.40
N GLU E 89 13.12 49.36 -20.79
CA GLU E 89 13.02 49.26 -19.35
C GLU E 89 13.40 47.87 -18.84
N ASP E 90 14.00 47.04 -19.68
CA ASP E 90 14.38 45.68 -19.29
C ASP E 90 15.85 45.56 -18.90
N THR E 91 16.57 46.68 -18.78
CA THR E 91 17.95 46.63 -18.34
C THR E 91 18.00 46.29 -16.87
N ALA E 92 18.55 45.12 -16.53
CA ALA E 92 18.58 44.64 -15.17
C ALA E 92 19.58 43.49 -15.07
N MET E 93 19.68 42.92 -13.88
CA MET E 93 20.49 41.73 -13.63
C MET E 93 19.54 40.59 -13.28
N TYR E 94 19.68 39.47 -13.99
CA TYR E 94 18.75 38.35 -13.88
C TYR E 94 19.37 37.24 -13.04
N TYR E 95 18.64 36.78 -12.03
CA TYR E 95 19.11 35.77 -11.09
C TYR E 95 18.40 34.45 -11.34
N CYS E 96 18.88 33.41 -10.66
CA CYS E 96 18.41 32.05 -10.86
C CYS E 96 18.38 31.38 -9.49
N VAL E 97 17.18 31.09 -8.99
CA VAL E 97 17.04 30.65 -7.60
C VAL E 97 16.51 29.22 -7.53
N ARG E 98 16.33 28.73 -6.30
CA ARG E 98 16.03 27.33 -6.03
C ARG E 98 14.92 27.25 -4.99
N SER E 99 14.08 26.22 -5.08
CA SER E 99 13.00 26.06 -4.11
C SER E 99 12.44 24.65 -4.17
N ILE E 100 12.25 24.06 -3.00
CA ILE E 100 11.62 22.74 -2.85
C ILE E 100 10.46 22.87 -1.88
N TYR E 101 9.32 22.29 -2.22
CA TYR E 101 8.09 22.46 -1.45
C TYR E 101 7.62 21.12 -0.91
N TYR E 102 7.60 21.01 0.42
CA TYR E 102 6.93 19.93 1.15
C TYR E 102 6.82 20.38 2.60
N TYR E 103 6.28 19.50 3.44
CA TYR E 103 6.03 19.87 4.84
C TYR E 103 7.34 20.03 5.59
N GLY E 104 7.69 21.27 5.89
CA GLY E 104 8.91 21.57 6.63
C GLY E 104 10.10 21.99 5.80
N SER E 105 9.90 22.30 4.52
CA SER E 105 11.01 22.67 3.65
C SER E 105 11.40 24.13 3.87
N SER E 106 12.39 24.58 3.09
CA SER E 106 12.91 25.95 3.16
C SER E 106 13.23 26.43 1.76
N PRO E 107 12.26 27.04 1.07
CA PRO E 107 12.51 27.51 -0.30
C PRO E 107 13.40 28.74 -0.33
N PHE E 108 13.84 29.09 -1.55
CA PHE E 108 14.63 30.29 -1.80
C PHE E 108 15.96 30.27 -1.06
N ASP E 109 16.49 29.07 -0.81
CA ASP E 109 17.70 28.97 0.00
C ASP E 109 18.96 29.29 -0.79
N PHE E 110 19.03 28.92 -2.07
CA PHE E 110 20.23 29.12 -2.87
C PHE E 110 19.94 30.00 -4.07
N TRP E 111 20.77 31.03 -4.24
CA TRP E 111 20.66 31.96 -5.36
C TRP E 111 21.86 31.77 -6.29
N GLY E 112 21.71 32.28 -7.50
CA GLY E 112 22.76 32.20 -8.51
C GLY E 112 23.69 33.40 -8.47
N GLN E 113 24.42 33.59 -9.56
CA GLN E 113 25.35 34.71 -9.70
C GLN E 113 24.76 35.84 -10.54
N GLY E 114 24.21 35.55 -11.70
CA GLY E 114 23.48 36.53 -12.47
C GLY E 114 24.27 37.03 -13.67
N THR E 115 23.54 37.58 -14.64
CA THR E 115 24.11 38.17 -15.84
C THR E 115 23.46 39.52 -16.08
N THR E 116 24.20 40.40 -16.75
CA THR E 116 23.75 41.76 -17.02
C THR E 116 23.24 41.87 -18.45
N LEU E 117 22.03 42.37 -18.62
CA LEU E 117 21.41 42.60 -19.92
C LEU E 117 21.10 44.07 -20.05
N THR E 118 21.56 44.69 -21.14
CA THR E 118 21.37 46.11 -21.38
C THR E 118 20.74 46.33 -22.75
N VAL E 119 19.97 47.40 -22.87
CA VAL E 119 19.33 47.79 -24.12
C VAL E 119 19.61 49.26 -24.37
N SER E 120 19.98 49.59 -25.61
CA SER E 120 20.27 50.96 -25.97
C SER E 120 19.00 51.81 -25.95
N SER E 121 19.15 53.05 -25.50
CA SER E 121 18.02 53.97 -25.43
C SER E 121 17.56 54.35 -26.83
N GLY E 122 16.24 54.45 -26.99
CA GLY E 122 15.66 54.81 -28.27
C GLY E 122 14.64 53.80 -28.77
N SER E 136 -5.23 44.20 -7.26
CA SER E 136 -5.39 42.98 -6.48
C SER E 136 -4.03 42.35 -6.18
N ASP E 137 -3.11 43.17 -5.67
CA ASP E 137 -1.77 42.72 -5.34
C ASP E 137 -1.40 43.19 -3.94
N ILE E 138 -0.75 42.30 -3.18
CA ILE E 138 -0.32 42.64 -1.83
C ILE E 138 0.90 43.55 -1.92
N VAL E 139 0.83 44.70 -1.23
CA VAL E 139 1.90 45.69 -1.25
C VAL E 139 2.62 45.64 0.09
N MET E 140 3.95 45.60 0.04
CA MET E 140 4.79 45.59 1.23
C MET E 140 5.70 46.81 1.21
N THR E 141 5.70 47.57 2.30
CA THR E 141 6.46 48.80 2.41
C THR E 141 7.37 48.76 3.62
N GLN E 142 8.60 49.25 3.45
CA GLN E 142 9.54 49.35 4.54
C GLN E 142 9.59 50.79 5.05
N ALA E 143 10.11 50.95 6.27
CA ALA E 143 10.00 52.23 6.96
C ALA E 143 10.98 53.26 6.43
N THR E 144 12.28 52.99 6.56
CA THR E 144 13.31 53.95 6.22
C THR E 144 14.23 53.37 5.15
N SER E 145 15.30 54.11 4.83
CA SER E 145 16.25 53.66 3.83
C SER E 145 17.70 53.92 4.23
N SER E 146 17.96 54.35 5.47
CA SER E 146 19.34 54.58 5.92
C SER E 146 19.35 54.58 7.44
N VAL E 147 20.11 53.67 8.04
CA VAL E 147 20.23 53.59 9.49
C VAL E 147 21.69 53.35 9.85
N PRO E 148 22.33 54.26 10.59
CA PRO E 148 23.71 54.03 11.03
C PRO E 148 23.78 53.29 12.36
N VAL E 149 24.83 52.50 12.50
CA VAL E 149 25.02 51.68 13.70
C VAL E 149 26.51 51.41 13.86
N THR E 150 26.91 51.18 15.12
CA THR E 150 28.29 50.86 15.47
C THR E 150 28.41 49.41 15.91
N PRO E 151 29.55 48.77 15.68
CA PRO E 151 29.71 47.37 16.09
C PRO E 151 29.54 47.19 17.59
N GLY E 152 28.93 46.07 17.97
CA GLY E 152 28.65 45.77 19.35
C GLY E 152 27.29 46.25 19.84
N GLU E 153 26.55 47.00 19.03
CA GLU E 153 25.23 47.49 19.41
C GLU E 153 24.16 46.56 18.86
N SER E 154 22.90 46.99 18.99
CA SER E 154 21.76 46.23 18.49
C SER E 154 20.92 47.12 17.57
N VAL E 155 20.35 46.51 16.53
CA VAL E 155 19.56 47.21 15.54
C VAL E 155 18.20 46.53 15.41
N SER E 156 17.31 47.15 14.65
CA SER E 156 15.98 46.61 14.41
C SER E 156 15.50 47.03 13.03
N ILE E 157 15.02 46.06 12.26
CA ILE E 157 14.49 46.28 10.92
C ILE E 157 13.04 45.82 10.89
N SER E 158 12.16 46.66 10.35
CA SER E 158 10.74 46.34 10.34
C SER E 158 10.13 46.71 8.99
N CYS E 159 9.19 45.88 8.53
CA CYS E 159 8.41 46.17 7.34
C CYS E 159 6.97 45.74 7.58
N ARG E 160 6.04 46.43 6.92
CA ARG E 160 4.61 46.21 7.11
C ARG E 160 3.95 45.87 5.78
N SER E 161 2.82 45.16 5.86
CA SER E 161 2.06 44.73 4.70
C SER E 161 0.70 45.41 4.70
N SER E 162 -0.14 45.03 3.73
CA SER E 162 -1.48 45.58 3.59
C SER E 162 -2.54 44.66 4.20
N LYS E 163 -2.58 43.40 3.77
CA LYS E 163 -3.48 42.41 4.32
C LYS E 163 -2.70 41.39 5.14
N SER E 164 -3.41 40.72 6.04
CA SER E 164 -2.77 39.78 6.95
C SER E 164 -2.19 38.59 6.18
N LEU E 165 -0.98 38.18 6.58
CA LEU E 165 -0.29 37.06 5.96
C LEU E 165 -0.43 35.77 6.75
N LEU E 166 -1.33 35.73 7.72
CA LEU E 166 -1.52 34.55 8.56
C LEU E 166 -2.71 33.75 8.01
N HIS E 167 -2.45 32.52 7.60
CA HIS E 167 -3.47 31.69 6.98
C HIS E 167 -4.24 30.92 8.06
N SER E 168 -5.25 30.16 7.63
CA SER E 168 -6.08 29.42 8.58
C SER E 168 -5.31 28.28 9.24
N ASN E 169 -4.36 27.69 8.53
CA ASN E 169 -3.60 26.57 9.08
C ASN E 169 -2.61 27.00 10.15
N GLY E 170 -2.39 28.30 10.33
CA GLY E 170 -1.50 28.80 11.36
C GLY E 170 -0.12 29.20 10.91
N ASN E 171 0.14 29.28 9.61
CA ASN E 171 1.44 29.64 9.08
C ASN E 171 1.40 31.05 8.50
N THR E 172 2.36 31.87 8.91
CA THR E 172 2.55 33.19 8.33
C THR E 172 3.74 33.16 7.38
N TYR E 173 3.60 33.82 6.24
CA TYR E 173 4.57 33.71 5.15
C TYR E 173 5.27 35.06 4.95
N LEU E 174 6.46 35.20 5.52
CA LEU E 174 7.30 36.36 5.23
C LEU E 174 8.75 35.95 5.39
N TYR E 175 9.57 36.25 4.39
CA TYR E 175 10.97 35.86 4.36
C TYR E 175 11.86 37.10 4.43
N TRP E 176 13.08 36.92 4.93
CA TRP E 176 14.07 37.99 5.03
C TRP E 176 15.32 37.60 4.27
N PHE E 177 15.84 38.53 3.48
CA PHE E 177 17.04 38.29 2.68
C PHE E 177 18.10 39.35 3.00
N LEU E 178 19.36 38.97 2.84
CA LEU E 178 20.49 39.86 3.07
C LEU E 178 21.37 39.86 1.84
N GLN E 179 21.64 41.05 1.29
CA GLN E 179 22.55 41.22 0.17
C GLN E 179 23.72 42.09 0.60
N ARG E 180 24.94 41.58 0.44
CA ARG E 180 26.13 42.30 0.83
C ARG E 180 26.66 43.11 -0.35
N PRO E 181 27.71 43.91 -0.16
CA PRO E 181 28.21 44.74 -1.26
C PRO E 181 28.80 43.92 -2.40
N GLY E 182 28.18 44.01 -3.59
CA GLY E 182 28.67 43.30 -4.75
C GLY E 182 28.63 41.79 -4.63
N GLN E 183 27.52 41.26 -4.12
CA GLN E 183 27.40 39.82 -3.91
C GLN E 183 25.93 39.43 -4.00
N SER E 184 25.70 38.13 -4.24
CA SER E 184 24.35 37.62 -4.36
C SER E 184 23.66 37.61 -2.99
N PRO E 185 22.33 37.76 -2.96
CA PRO E 185 21.61 37.75 -1.68
C PRO E 185 21.61 36.37 -1.04
N GLN E 186 21.12 36.32 0.19
CA GLN E 186 21.15 35.13 1.02
C GLN E 186 19.92 35.09 1.89
N LEU E 187 19.50 33.87 2.25
CA LEU E 187 18.31 33.68 3.08
C LEU E 187 18.67 33.70 4.56
N LEU E 188 17.87 34.41 5.35
CA LEU E 188 18.07 34.50 6.79
C LEU E 188 16.92 33.87 7.58
N ILE E 189 15.69 34.31 7.33
CA ILE E 189 14.53 33.87 8.09
C ILE E 189 13.44 33.45 7.10
N TYR E 190 12.83 32.30 7.34
CA TYR E 190 11.69 31.86 6.54
C TYR E 190 10.51 31.57 7.46
N ARG E 191 9.33 32.10 7.08
CA ARG E 191 8.10 31.98 7.86
C ARG E 191 8.23 32.65 9.23
N MET E 192 9.00 33.74 9.29
CA MET E 192 8.98 34.72 10.37
C MET E 192 9.63 34.23 11.67
N SER E 193 9.88 32.93 11.79
CA SER E 193 10.44 32.42 13.04
C SER E 193 11.59 31.45 12.89
N ASN E 194 11.87 30.94 11.69
CA ASN E 194 12.83 29.86 11.52
C ASN E 194 14.13 30.40 10.95
N LEU E 195 15.24 30.07 11.62
CA LEU E 195 16.56 30.42 11.11
C LEU E 195 16.96 29.47 9.98
N ALA E 196 17.60 30.04 8.96
CA ALA E 196 18.11 29.23 7.87
C ALA E 196 19.31 28.41 8.32
N SER E 197 19.60 27.36 7.56
CA SER E 197 20.70 26.44 7.90
C SER E 197 22.02 27.09 7.53
N GLY E 198 22.63 27.77 8.51
CA GLY E 198 23.91 28.41 8.30
C GLY E 198 24.01 29.78 8.93
N VAL E 199 22.88 30.45 9.11
CA VAL E 199 22.88 31.79 9.71
C VAL E 199 23.26 31.68 11.19
N PRO E 200 24.07 32.60 11.71
CA PRO E 200 24.42 32.54 13.13
C PRO E 200 23.21 32.81 14.01
N ASP E 201 23.30 32.32 15.25
CA ASP E 201 22.19 32.42 16.20
C ASP E 201 21.89 33.85 16.61
N ARG E 202 22.77 34.80 16.31
CA ARG E 202 22.56 36.19 16.72
C ARG E 202 21.36 36.84 16.02
N PHE E 203 20.94 36.31 14.88
CA PHE E 203 19.84 36.87 14.11
C PHE E 203 18.53 36.19 14.48
N SER E 204 17.52 36.99 14.80
CA SER E 204 16.21 36.46 15.16
C SER E 204 15.14 37.43 14.68
N GLY E 205 14.00 36.87 14.27
CA GLY E 205 12.89 37.67 13.78
C GLY E 205 11.60 37.30 14.48
N SER E 206 10.71 38.29 14.57
CA SER E 206 9.44 38.10 15.27
C SER E 206 8.43 39.11 14.73
N GLY E 207 7.16 38.82 14.95
CA GLY E 207 6.11 39.69 14.51
C GLY E 207 4.76 39.00 14.62
N SER E 208 3.71 39.78 14.35
CA SER E 208 2.36 39.25 14.43
C SER E 208 1.46 40.09 13.53
N GLY E 209 0.50 39.42 12.90
CA GLY E 209 -0.47 40.10 12.07
C GLY E 209 0.12 40.73 10.82
N THR E 210 0.19 42.06 10.81
CA THR E 210 0.76 42.80 9.67
C THR E 210 1.95 43.64 10.07
N ALA E 211 2.51 43.44 11.27
CA ALA E 211 3.69 44.16 11.73
C ALA E 211 4.78 43.14 12.07
N PHE E 212 5.96 43.33 11.49
CA PHE E 212 7.05 42.38 11.66
C PHE E 212 8.34 43.14 11.92
N THR E 213 9.23 42.53 12.70
CA THR E 213 10.52 43.13 13.04
C THR E 213 11.62 42.09 12.94
N LEU E 214 12.83 42.57 12.68
CA LEU E 214 14.03 41.74 12.66
C LEU E 214 15.08 42.38 13.54
N THR E 215 15.62 41.62 14.50
CA THR E 215 16.58 42.14 15.46
C THR E 215 17.89 41.39 15.33
N ILE E 216 18.99 42.14 15.22
CA ILE E 216 20.33 41.58 15.18
C ILE E 216 21.08 42.09 16.40
N SER E 217 21.56 41.17 17.23
CA SER E 217 22.26 41.49 18.46
C SER E 217 23.75 41.21 18.29
N ARG E 218 24.57 42.00 18.98
CA ARG E 218 26.03 41.92 18.90
C ARG E 218 26.48 42.06 17.43
N LEU E 219 26.17 43.23 16.87
CA LEU E 219 26.43 43.48 15.46
C LEU E 219 27.92 43.35 15.15
N GLU E 220 28.23 42.62 14.09
CA GLU E 220 29.60 42.40 13.64
C GLU E 220 29.90 43.30 12.45
N ALA E 221 31.17 43.26 12.03
CA ALA E 221 31.61 44.05 10.88
C ALA E 221 31.27 43.39 9.54
N GLU E 222 30.84 42.13 9.55
CA GLU E 222 30.52 41.41 8.33
C GLU E 222 29.02 41.18 8.16
N ASP E 223 28.19 42.01 8.80
CA ASP E 223 26.74 41.88 8.73
C ASP E 223 26.09 43.19 8.28
N VAL E 224 26.74 43.88 7.36
CA VAL E 224 26.27 45.17 6.84
C VAL E 224 25.84 45.00 5.40
N GLY E 225 24.70 45.57 5.04
CA GLY E 225 24.17 45.43 3.70
C GLY E 225 22.77 45.98 3.58
N VAL E 226 21.98 45.34 2.72
CA VAL E 226 20.60 45.74 2.47
C VAL E 226 19.69 44.55 2.77
N TYR E 227 18.60 44.81 3.48
CA TYR E 227 17.67 43.78 3.90
C TYR E 227 16.33 43.95 3.19
N TYR E 228 15.82 42.85 2.64
CA TYR E 228 14.55 42.85 1.94
C TYR E 228 13.61 41.86 2.61
N CYS E 229 12.32 42.20 2.64
CA CYS E 229 11.29 41.30 3.16
C CYS E 229 10.30 40.98 2.04
N MET E 230 9.99 39.69 1.89
CA MET E 230 9.20 39.20 0.78
C MET E 230 8.06 38.33 1.31
N GLN E 231 6.91 38.40 0.63
CA GLN E 231 5.76 37.59 0.97
C GLN E 231 5.61 36.40 0.02
N HIS E 232 4.97 35.35 0.51
CA HIS E 232 4.70 34.16 -0.29
C HIS E 232 3.29 33.63 -0.09
N LEU E 233 2.34 34.51 0.24
CA LEU E 233 0.97 34.05 0.47
C LEU E 233 0.26 33.71 -0.84
N GLU E 234 0.45 34.54 -1.87
CA GLU E 234 -0.18 34.30 -3.15
C GLU E 234 0.72 34.85 -4.25
N TYR E 235 0.56 34.33 -5.46
CA TYR E 235 1.38 34.74 -6.59
C TYR E 235 0.89 36.05 -7.21
N THR E 238 6.02 39.29 -4.59
CA THR E 238 6.43 40.69 -4.51
C THR E 238 7.43 40.91 -3.37
N PHE E 239 8.29 41.90 -3.52
CA PHE E 239 9.36 42.19 -2.58
C PHE E 239 9.11 43.54 -1.92
N GLY E 240 10.07 43.96 -1.10
CA GLY E 240 10.01 45.23 -0.40
C GLY E 240 11.00 46.23 -0.97
N ALA E 241 10.97 47.43 -0.37
CA ALA E 241 11.85 48.50 -0.85
C ALA E 241 13.29 48.27 -0.40
N GLY E 242 13.49 47.82 0.83
CA GLY E 242 14.82 47.56 1.34
C GLY E 242 15.38 48.73 2.12
N THR E 243 16.21 48.41 3.11
CA THR E 243 16.88 49.41 3.92
C THR E 243 18.36 49.06 4.02
N LYS E 244 19.19 50.10 4.13
CA LYS E 244 20.64 49.95 4.11
C LYS E 244 21.23 50.30 5.47
N LEU E 245 22.40 49.73 5.75
CA LEU E 245 23.14 50.00 6.97
C LEU E 245 24.51 50.56 6.60
N GLU E 246 25.00 51.47 7.44
CA GLU E 246 26.29 52.10 7.23
C GLU E 246 27.12 52.03 8.51
N LEU E 247 28.43 51.90 8.34
CA LEU E 247 29.34 51.82 9.47
C LEU E 247 29.80 53.21 9.91
N TYR F 1 -49.72 2.88 -47.20
CA TYR F 1 -49.55 1.45 -47.47
C TYR F 1 -48.12 1.01 -47.17
N SER F 2 -47.34 1.89 -46.55
CA SER F 2 -45.96 1.59 -46.21
C SER F 2 -45.67 1.73 -44.72
N PHE F 3 -46.70 1.89 -43.88
CA PHE F 3 -46.51 2.06 -42.45
C PHE F 3 -46.71 0.72 -41.74
N LYS F 4 -45.75 0.36 -40.89
CA LYS F 4 -45.81 -0.88 -40.13
C LYS F 4 -45.69 -0.56 -38.64
N PRO F 5 -46.73 -0.77 -37.85
CA PRO F 5 -46.62 -0.51 -36.40
C PRO F 5 -45.55 -1.40 -35.77
N MET F 6 -44.81 -0.83 -34.82
CA MET F 6 -43.72 -1.53 -34.16
C MET F 6 -43.72 -1.16 -32.68
N PRO F 7 -43.70 -2.14 -31.78
CA PRO F 7 -43.61 -1.83 -30.36
C PRO F 7 -42.31 -1.12 -30.03
N LEU F 8 -42.35 -0.31 -28.97
CA LEU F 8 -41.20 0.49 -28.55
C LEU F 8 -39.96 -0.35 -28.29
N ARG F 10 -38.85 -3.04 -29.63
CA ARG F 10 -38.12 -3.39 -30.84
C ARG F 10 -37.56 -2.13 -31.50
#